data_6IOR
#
_entry.id   6IOR
#
_cell.length_a   91.880
_cell.length_b   101.350
_cell.length_c   128.370
_cell.angle_alpha   90.00
_cell.angle_beta   90.00
_cell.angle_gamma   90.00
#
_symmetry.space_group_name_H-M   'P 21 21 21'
#
loop_
_entity.id
_entity.type
_entity.pdbx_description
1 polymer 'Methyl-accepting chemotaxis protein'
2 non-polymer ASPARAGINE
3 non-polymer 'CALCIUM ION'
4 water water
#
_entity_poly.entity_id   1
_entity_poly.type   'polypeptide(L)'
_entity_poly.pdbx_seq_one_letter_code
;GPLGSVREEIESLVQDSLMEMVKGVKNTIESDLASKKGLAQSTTEILQLDPTNKAFAKSVLESPNLKGSFLAIGLGYESD
ATVVENDDGWEPNADYDPRKRPWYVDAKRERKLVVTEPYVDISTKKIIISIGTPVYQQSNFVGAMFYDVELTQLAQLVNS
VNLFDAGYLFITTKDGVTIAHPNAENNGEKFSQFLPNVDLKEGTQRIELDGKYYLVKFAQVPSESWYIGAVVDESIAFAM
VDDLRHSSLIHHHHHH
;
_entity_poly.pdbx_strand_id   A,B,C,D
#
loop_
_chem_comp.id
_chem_comp.type
_chem_comp.name
_chem_comp.formula
CA non-polymer 'CALCIUM ION' 'Ca 2'
#
# COMPACT_ATOMS: atom_id res chain seq x y z
N GLY A 4 -3.09 -6.92 -27.75
CA GLY A 4 -1.96 -7.74 -27.34
C GLY A 4 -1.96 -8.11 -25.85
N SER A 5 -1.57 -9.34 -25.53
CA SER A 5 -1.57 -9.81 -24.16
C SER A 5 -0.31 -9.43 -23.37
N VAL A 6 0.86 -9.55 -23.99
CA VAL A 6 2.07 -8.96 -23.41
C VAL A 6 1.92 -7.44 -23.29
N ARG A 7 1.25 -6.85 -24.29
CA ARG A 7 1.04 -5.39 -24.34
C ARG A 7 0.04 -4.90 -23.31
N GLU A 8 -1.00 -5.70 -23.05
CA GLU A 8 -1.90 -5.38 -21.96
C GLU A 8 -1.17 -5.53 -20.62
N GLU A 9 -0.13 -6.35 -20.57
CA GLU A 9 0.63 -6.41 -19.34
C GLU A 9 1.58 -5.22 -19.14
N ILE A 10 2.16 -4.74 -20.22
CA ILE A 10 3.00 -3.55 -20.17
C ILE A 10 2.20 -2.38 -19.61
N GLU A 11 1.05 -2.15 -20.22
CA GLU A 11 0.11 -1.14 -19.77
C GLU A 11 -0.26 -1.27 -18.28
N SER A 12 -0.56 -2.49 -17.84
CA SER A 12 -0.89 -2.75 -16.44
C SER A 12 0.28 -2.37 -15.54
N LEU A 13 1.50 -2.66 -15.99
CA LEU A 13 2.65 -2.36 -15.15
C LEU A 13 2.91 -0.85 -15.11
N VAL A 14 2.75 -0.19 -16.24
CA VAL A 14 2.92 1.26 -16.29
C VAL A 14 1.91 1.89 -15.35
N GLN A 15 0.69 1.35 -15.35
CA GLN A 15 -0.36 1.82 -14.46
C GLN A 15 0.00 1.65 -12.97
N ASP A 16 0.61 0.52 -12.62
CA ASP A 16 1.05 0.26 -11.25
C ASP A 16 2.02 1.34 -10.75
N SER A 17 3.07 1.60 -11.51
CA SER A 17 4.05 2.61 -11.12
C SER A 17 3.45 4.01 -11.02
N LEU A 18 2.64 4.36 -12.01
CA LEU A 18 1.94 5.62 -12.05
C LEU A 18 1.08 5.86 -10.80
N MET A 19 0.26 4.89 -10.44
CA MET A 19 -0.53 5.00 -9.21
C MET A 19 0.39 5.15 -8.01
N GLU A 20 1.51 4.45 -8.03
CA GLU A 20 2.43 4.53 -6.93
C GLU A 20 3.05 5.92 -6.85
N MET A 21 3.33 6.53 -7.99
CA MET A 21 3.94 7.85 -8.02
C MET A 21 2.93 8.91 -7.58
N VAL A 22 1.66 8.70 -7.90
CA VAL A 22 0.57 9.59 -7.49
C VAL A 22 0.44 9.58 -5.98
N LYS A 23 0.52 8.39 -5.36
CA LYS A 23 0.52 8.28 -3.91
C LYS A 23 1.80 8.85 -3.28
N GLY A 24 2.94 8.69 -3.94
CA GLY A 24 4.16 9.33 -3.47
C GLY A 24 3.98 10.84 -3.32
N VAL A 25 3.44 11.47 -4.36
CA VAL A 25 3.23 12.92 -4.37
C VAL A 25 2.28 13.35 -3.25
N LYS A 26 1.20 12.62 -3.06
CA LYS A 26 0.22 13.03 -2.07
C LYS A 26 0.74 12.87 -0.65
N ASN A 27 1.63 11.89 -0.45
CA ASN A 27 2.13 11.58 0.88
C ASN A 27 3.32 12.41 1.31
N THR A 28 3.93 13.13 0.39
CA THR A 28 5.09 13.92 0.73
C THR A 28 4.80 15.41 0.54
N ILE A 29 4.88 15.89 -0.70
CA ILE A 29 4.56 17.29 -1.03
C ILE A 29 3.17 17.74 -0.58
N GLU A 30 2.14 16.98 -0.95
CA GLU A 30 0.76 17.37 -0.69
C GLU A 30 0.43 17.41 0.81
N SER A 31 1.05 16.57 1.61
CA SER A 31 0.79 16.62 3.04
C SER A 31 1.71 17.61 3.70
N ASP A 32 2.81 17.96 3.05
CA ASP A 32 3.67 19.00 3.55
C ASP A 32 2.95 20.34 3.38
N LEU A 33 2.33 20.53 2.21
CA LEU A 33 1.57 21.74 1.93
C LEU A 33 0.41 21.94 2.88
N ALA A 34 -0.32 20.85 3.15
CA ALA A 34 -1.50 20.94 4.00
C ALA A 34 -1.09 21.38 5.41
N SER A 35 0.05 20.89 5.86
CA SER A 35 0.65 21.32 7.11
C SER A 35 1.12 22.79 7.04
N LYS A 36 1.93 23.12 6.03
CA LYS A 36 2.35 24.51 5.81
C LYS A 36 1.19 25.52 5.63
N LYS A 37 0.07 25.05 5.08
CA LYS A 37 -1.14 25.86 4.94
C LYS A 37 -1.72 26.28 6.28
N GLY A 38 -1.65 25.38 7.26
CA GLY A 38 -2.15 25.68 8.58
C GLY A 38 -1.26 26.71 9.25
N LEU A 39 0.03 26.57 9.00
CA LEU A 39 1.01 27.51 9.54
C LEU A 39 0.81 28.91 8.96
N ALA A 40 0.68 29.00 7.63
CA ALA A 40 0.48 30.29 6.95
C ALA A 40 -0.86 30.97 7.33
N GLN A 41 -1.96 30.22 7.27
CA GLN A 41 -3.26 30.76 7.70
C GLN A 41 -3.25 31.32 9.13
N SER A 42 -2.67 30.60 10.08
CA SER A 42 -2.62 31.11 11.45
C SER A 42 -1.67 32.29 11.57
N THR A 43 -0.53 32.25 10.90
CA THR A 43 0.39 33.37 10.95
C THR A 43 -0.31 34.63 10.39
N THR A 44 -1.04 34.45 9.29
CA THR A 44 -1.75 35.56 8.72
C THR A 44 -2.82 36.09 9.66
N GLU A 45 -3.50 35.22 10.41
CA GLU A 45 -4.55 35.67 11.30
C GLU A 45 -3.98 36.44 12.50
N ILE A 46 -2.86 35.97 13.01
CA ILE A 46 -2.18 36.61 14.14
C ILE A 46 -1.69 38.02 13.76
N LEU A 47 -1.28 38.18 12.51
CA LEU A 47 -0.78 39.45 12.07
C LEU A 47 -1.92 40.48 11.92
N GLN A 48 -3.14 40.03 11.61
CA GLN A 48 -4.23 40.98 11.48
C GLN A 48 -4.68 41.53 12.83
N LEU A 49 -4.09 41.02 13.92
CA LEU A 49 -4.26 41.66 15.21
C LEU A 49 -3.75 43.10 15.12
N ASP A 50 -2.71 43.31 14.29
CA ASP A 50 -2.09 44.64 14.13
C ASP A 50 -1.31 44.74 12.81
N PRO A 51 -2.02 44.65 11.69
CA PRO A 51 -1.45 44.43 10.35
C PRO A 51 -0.40 45.46 9.94
N THR A 52 -0.64 46.72 10.30
CA THR A 52 0.19 47.82 9.80
C THR A 52 1.44 48.04 10.66
N ASN A 53 1.55 47.24 11.70
CA ASN A 53 2.71 47.38 12.57
C ASN A 53 3.80 46.56 11.95
N LYS A 54 4.70 47.23 11.23
CA LYS A 54 5.78 46.57 10.56
C LYS A 54 6.73 45.92 11.55
N ALA A 55 6.91 46.53 12.72
CA ALA A 55 7.79 46.00 13.75
C ALA A 55 7.30 44.66 14.25
N PHE A 56 5.99 44.57 14.42
CA PHE A 56 5.28 43.35 14.79
C PHE A 56 5.50 42.27 13.73
N ALA A 57 5.15 42.64 12.50
CA ALA A 57 5.24 41.75 11.35
C ALA A 57 6.63 41.14 11.24
N LYS A 58 7.66 41.98 11.36
CA LYS A 58 9.01 41.46 11.23
C LYS A 58 9.34 40.50 12.35
N SER A 59 8.93 40.81 13.57
CA SER A 59 9.22 39.93 14.71
C SER A 59 8.64 38.54 14.53
N VAL A 60 7.40 38.49 14.08
CA VAL A 60 6.71 37.24 13.79
C VAL A 60 7.40 36.45 12.67
N LEU A 61 7.79 37.11 11.59
CA LEU A 61 8.41 36.39 10.48
C LEU A 61 9.82 35.95 10.80
N GLU A 62 10.44 36.49 11.84
CA GLU A 62 11.79 36.08 12.15
C GLU A 62 11.85 35.02 13.25
N SER A 63 10.69 34.66 13.81
CA SER A 63 10.63 33.57 14.80
C SER A 63 11.07 32.24 14.16
N PRO A 64 11.97 31.53 14.86
CA PRO A 64 12.82 30.45 14.33
C PRO A 64 12.09 29.32 13.59
N ASN A 65 11.06 28.75 14.19
CA ASN A 65 10.38 27.63 13.58
C ASN A 65 9.68 28.02 12.29
N LEU A 66 8.98 29.15 12.36
CA LEU A 66 8.29 29.71 11.21
C LEU A 66 9.28 29.99 10.09
N LYS A 67 10.33 30.73 10.43
CA LYS A 67 11.42 31.02 9.50
C LYS A 67 12.08 29.76 8.95
N GLY A 68 12.03 28.66 9.69
CA GLY A 68 12.66 27.41 9.27
C GLY A 68 11.74 26.48 8.48
N SER A 69 10.45 26.79 8.43
CA SER A 69 9.48 25.93 7.74
C SER A 69 9.28 26.31 6.28
N PHE A 70 9.86 27.44 5.85
CA PHE A 70 9.61 27.94 4.51
C PHE A 70 10.90 28.39 3.87
N LEU A 71 10.92 28.47 2.54
CA LEU A 71 12.05 29.07 1.84
C LEU A 71 12.22 30.52 2.28
N ALA A 72 11.10 31.23 2.35
CA ALA A 72 11.05 32.64 2.71
C ALA A 72 9.60 33.02 2.95
N ILE A 73 9.39 34.06 3.75
CA ILE A 73 8.06 34.61 4.00
C ILE A 73 8.10 36.15 3.90
N GLY A 74 7.02 36.77 3.45
CA GLY A 74 6.99 38.22 3.38
C GLY A 74 5.61 38.81 3.43
N LEU A 75 5.54 40.11 3.75
CA LEU A 75 4.28 40.86 3.66
C LEU A 75 4.51 42.09 2.78
N GLY A 76 3.72 42.20 1.72
CA GLY A 76 3.75 43.38 0.88
C GLY A 76 2.50 44.23 1.09
N TYR A 77 2.70 45.54 1.24
CA TYR A 77 1.59 46.45 1.57
C TYR A 77 1.01 47.15 0.35
N GLU A 78 -0.32 47.23 0.33
CA GLU A 78 -1.06 47.85 -0.75
C GLU A 78 -0.80 49.35 -0.88
N SER A 79 -0.62 50.02 0.26
CA SER A 79 -0.45 51.46 0.26
C SER A 79 0.84 51.85 -0.45
N ASP A 80 2.00 51.49 0.11
CA ASP A 80 3.25 51.99 -0.47
C ASP A 80 4.13 50.96 -1.19
N ALA A 81 3.60 49.76 -1.44
CA ALA A 81 4.33 48.71 -2.15
C ALA A 81 5.65 48.31 -1.49
N THR A 82 5.74 48.45 -0.16
CA THR A 82 6.94 47.98 0.53
C THR A 82 6.75 46.55 1.01
N VAL A 83 7.85 45.97 1.49
CA VAL A 83 7.94 44.56 1.76
C VAL A 83 8.63 44.33 3.09
N VAL A 84 7.91 43.69 4.01
CA VAL A 84 8.55 43.13 5.21
C VAL A 84 8.87 41.65 4.94
N GLU A 85 10.13 41.25 5.04
CA GLU A 85 10.46 39.84 4.76
C GLU A 85 11.64 39.31 5.56
N ASN A 86 11.81 37.99 5.55
CA ASN A 86 12.75 37.29 6.42
C ASN A 86 13.89 36.56 5.72
N ASP A 87 14.14 36.93 4.47
CA ASP A 87 15.16 36.29 3.66
C ASP A 87 16.47 37.01 3.94
N ASP A 88 17.39 36.30 4.58
CA ASP A 88 18.63 36.91 5.08
C ASP A 88 19.48 37.41 3.93
N GLY A 89 19.48 36.69 2.82
CA GLY A 89 20.34 37.02 1.69
C GLY A 89 19.70 37.79 0.55
N TRP A 90 18.41 38.09 0.67
CA TRP A 90 17.74 38.84 -0.40
C TRP A 90 17.12 40.13 0.11
N GLU A 91 17.20 41.16 -0.72
CA GLU A 91 16.46 42.39 -0.45
C GLU A 91 15.81 42.82 -1.75
N PRO A 92 14.59 43.37 -1.68
CA PRO A 92 13.94 43.94 -2.87
C PRO A 92 14.83 44.93 -3.59
N ASN A 93 14.99 44.81 -4.90
CA ASN A 93 15.67 45.85 -5.64
C ASN A 93 14.65 46.96 -5.92
N ALA A 94 15.10 48.11 -6.42
CA ALA A 94 14.19 49.26 -6.49
C ALA A 94 12.97 49.03 -7.42
N ASP A 95 13.04 48.00 -8.25
CA ASP A 95 12.04 47.74 -9.27
C ASP A 95 11.00 46.65 -8.82
N TYR A 96 11.22 46.05 -7.66
CA TYR A 96 10.28 45.05 -7.13
C TYR A 96 8.98 45.70 -6.66
N ASP A 97 7.87 45.24 -7.22
CA ASP A 97 6.55 45.67 -6.76
C ASP A 97 5.77 44.44 -6.35
N PRO A 98 5.58 44.24 -5.02
CA PRO A 98 4.83 43.09 -4.47
C PRO A 98 3.50 42.88 -5.17
N ARG A 99 2.80 43.97 -5.47
CA ARG A 99 1.43 43.90 -6.01
C ARG A 99 1.31 43.32 -7.41
N LYS A 100 2.43 43.13 -8.10
CA LYS A 100 2.38 42.58 -9.46
C LYS A 100 2.79 41.12 -9.48
N ARG A 101 3.22 40.63 -8.31
CA ARG A 101 3.69 39.26 -8.16
C ARG A 101 2.46 38.33 -8.06
N PRO A 102 2.60 37.07 -8.49
CA PRO A 102 1.44 36.18 -8.62
C PRO A 102 0.82 35.77 -7.29
N TRP A 103 1.63 35.62 -6.24
CA TRP A 103 1.11 35.30 -4.92
C TRP A 103 0.14 36.38 -4.43
N TYR A 104 0.40 37.61 -4.85
CA TYR A 104 -0.33 38.78 -4.39
C TYR A 104 -1.64 38.93 -5.17
N VAL A 105 -1.50 38.95 -6.49
CA VAL A 105 -2.65 39.00 -7.39
C VAL A 105 -3.72 37.93 -7.05
N ASP A 106 -3.27 36.68 -6.94
CA ASP A 106 -4.14 35.56 -6.56
C ASP A 106 -4.85 35.81 -5.23
N ALA A 107 -4.09 36.21 -4.23
CA ALA A 107 -4.63 36.37 -2.89
C ALA A 107 -5.66 37.50 -2.84
N LYS A 108 -5.37 38.58 -3.57
CA LYS A 108 -6.31 39.70 -3.71
C LYS A 108 -7.58 39.25 -4.44
N ARG A 109 -7.40 38.52 -5.54
CA ARG A 109 -8.52 38.00 -6.31
C ARG A 109 -9.42 37.02 -5.53
N GLU A 110 -8.83 35.98 -4.95
CA GLU A 110 -9.62 34.93 -4.29
C GLU A 110 -10.10 35.29 -2.89
N ARG A 111 -9.43 36.25 -2.25
CA ARG A 111 -9.82 36.77 -0.93
C ARG A 111 -9.65 35.75 0.19
N LYS A 112 -8.78 34.78 -0.02
CA LYS A 112 -8.47 33.76 1.00
C LYS A 112 -7.15 33.10 0.69
N LEU A 113 -6.73 32.18 1.55
CA LEU A 113 -5.50 31.42 1.32
C LEU A 113 -5.51 30.78 -0.06
N VAL A 114 -4.35 30.84 -0.71
CA VAL A 114 -4.24 30.44 -2.08
C VAL A 114 -2.90 29.72 -2.23
N VAL A 115 -2.83 28.74 -3.13
CA VAL A 115 -1.56 28.18 -3.54
C VAL A 115 -1.38 28.51 -5.02
N THR A 116 -0.27 29.16 -5.38
CA THR A 116 -0.06 29.58 -6.75
C THR A 116 0.32 28.41 -7.66
N GLU A 117 0.25 28.65 -8.97
CA GLU A 117 0.87 27.78 -9.96
C GLU A 117 2.37 27.91 -9.79
N PRO A 118 3.12 26.91 -10.27
CA PRO A 118 4.58 27.07 -10.28
C PRO A 118 5.02 28.33 -11.02
N TYR A 119 6.05 29.01 -10.52
CA TYR A 119 6.59 30.19 -11.20
C TYR A 119 8.06 30.32 -10.83
N VAL A 120 8.76 31.14 -11.61
CA VAL A 120 10.16 31.44 -11.36
C VAL A 120 10.36 32.45 -10.22
N ASP A 121 11.00 31.98 -9.14
CA ASP A 121 11.32 32.82 -7.99
C ASP A 121 12.27 33.98 -8.38
N ILE A 122 12.00 35.18 -7.88
CA ILE A 122 12.93 36.30 -8.13
C ILE A 122 14.20 36.19 -7.30
N SER A 123 14.10 35.65 -6.09
CA SER A 123 15.27 35.57 -5.20
C SER A 123 16.30 34.52 -5.67
N THR A 124 15.85 33.30 -5.90
CA THR A 124 16.73 32.17 -6.24
C THR A 124 16.70 31.77 -7.72
N LYS A 125 15.81 32.37 -8.49
CA LYS A 125 15.57 32.02 -9.90
C LYS A 125 15.20 30.54 -10.12
N LYS A 126 14.82 29.87 -9.05
CA LYS A 126 14.29 28.51 -9.14
C LYS A 126 12.78 28.54 -9.36
N ILE A 127 12.23 27.44 -9.86
CA ILE A 127 10.78 27.28 -10.00
C ILE A 127 10.20 26.78 -8.69
N ILE A 128 9.23 27.51 -8.15
CA ILE A 128 8.67 27.25 -6.83
C ILE A 128 7.18 27.41 -6.85
N ILE A 129 6.53 27.21 -5.71
CA ILE A 129 5.16 27.65 -5.55
C ILE A 129 5.12 28.45 -4.27
N SER A 130 4.06 29.22 -4.08
CA SER A 130 3.90 30.00 -2.86
C SER A 130 2.51 29.83 -2.32
N ILE A 131 2.42 29.85 -1.00
CA ILE A 131 1.15 30.05 -0.35
C ILE A 131 0.96 31.54 -0.27
N GLY A 132 -0.20 32.02 -0.68
CA GLY A 132 -0.52 33.43 -0.62
C GLY A 132 -1.75 33.69 0.21
N THR A 133 -1.68 34.70 1.08
CA THR A 133 -2.81 35.09 1.90
C THR A 133 -3.12 36.58 1.82
N PRO A 134 -4.41 36.94 1.81
CA PRO A 134 -4.78 38.35 1.94
C PRO A 134 -4.66 38.81 3.38
N VAL A 135 -4.33 40.08 3.57
CA VAL A 135 -4.30 40.70 4.89
C VAL A 135 -5.38 41.79 5.00
N TYR A 136 -6.23 41.69 6.02
CA TYR A 136 -7.32 42.65 6.20
C TYR A 136 -7.24 43.40 7.51
N GLN A 137 -7.68 44.66 7.49
CA GLN A 137 -7.90 45.41 8.72
C GLN A 137 -9.36 45.87 8.74
N GLN A 138 -10.21 45.13 9.44
CA GLN A 138 -11.66 45.33 9.45
C GLN A 138 -12.26 45.26 8.05
N SER A 139 -11.80 44.27 7.28
CA SER A 139 -12.21 44.04 5.89
C SER A 139 -11.71 45.08 4.89
N ASN A 140 -10.82 45.97 5.35
CA ASN A 140 -10.01 46.76 4.43
C ASN A 140 -8.82 45.92 4.01
N PHE A 141 -8.69 45.67 2.72
CA PHE A 141 -7.56 44.93 2.20
C PHE A 141 -6.33 45.83 2.24
N VAL A 142 -5.32 45.48 3.05
CA VAL A 142 -4.13 46.32 3.15
C VAL A 142 -2.85 45.65 2.61
N GLY A 143 -2.95 44.42 2.12
CA GLY A 143 -1.80 43.79 1.52
C GLY A 143 -1.95 42.29 1.49
N ALA A 144 -0.88 41.60 1.12
CA ALA A 144 -0.85 40.15 1.01
C ALA A 144 0.49 39.55 1.44
N MET A 145 0.49 38.25 1.70
CA MET A 145 1.71 37.53 2.06
C MET A 145 2.09 36.43 1.10
N PHE A 146 3.38 36.15 1.01
CA PHE A 146 3.87 34.93 0.39
C PHE A 146 4.53 34.04 1.42
N TYR A 147 4.33 32.74 1.27
CA TYR A 147 5.07 31.70 1.97
C TYR A 147 5.66 30.76 0.90
N ASP A 148 6.97 30.85 0.69
CA ASP A 148 7.56 30.15 -0.43
C ASP A 148 7.85 28.71 -0.07
N VAL A 149 7.43 27.83 -0.97
CA VAL A 149 7.66 26.41 -0.86
C VAL A 149 8.52 25.98 -2.03
N GLU A 150 9.58 25.24 -1.77
CA GLU A 150 10.38 24.73 -2.88
C GLU A 150 9.90 23.34 -3.35
N LEU A 151 10.26 22.98 -4.58
CA LEU A 151 9.72 21.80 -5.24
C LEU A 151 10.74 20.68 -5.33
N THR A 152 11.82 20.78 -4.55
CA THR A 152 12.87 19.77 -4.45
C THR A 152 12.39 18.31 -4.38
N GLN A 153 11.36 18.07 -3.58
CA GLN A 153 10.83 16.72 -3.38
C GLN A 153 10.34 16.09 -4.67
N LEU A 154 9.78 16.87 -5.58
CA LEU A 154 9.32 16.33 -6.88
C LEU A 154 10.51 15.84 -7.69
N ALA A 155 11.55 16.65 -7.72
CA ALA A 155 12.79 16.27 -8.39
C ALA A 155 13.33 14.95 -7.81
N GLN A 156 13.27 14.81 -6.49
CA GLN A 156 13.75 13.58 -5.84
C GLN A 156 12.92 12.35 -6.18
N LEU A 157 11.58 12.48 -6.18
CA LEU A 157 10.70 11.39 -6.61
C LEU A 157 10.96 10.96 -8.05
N VAL A 158 11.02 11.95 -8.92
CA VAL A 158 11.15 11.74 -10.36
C VAL A 158 12.52 11.16 -10.76
N ASN A 159 13.51 11.29 -9.89
CA ASN A 159 14.82 10.70 -10.19
C ASN A 159 15.02 9.36 -9.49
N SER A 160 14.06 8.96 -8.67
CA SER A 160 14.20 7.77 -7.86
C SER A 160 13.53 6.57 -8.49
N VAL A 161 12.89 6.74 -9.65
CA VAL A 161 12.17 5.62 -10.22
C VAL A 161 12.57 5.36 -11.67
N ASN A 162 12.74 4.09 -12.00
CA ASN A 162 13.02 3.63 -13.35
C ASN A 162 11.88 2.76 -13.88
N LEU A 163 11.58 2.89 -15.18
CA LEU A 163 10.61 2.02 -15.83
C LEU A 163 11.29 1.17 -16.89
N PHE A 164 11.54 -0.10 -16.57
CA PHE A 164 12.17 -1.05 -17.49
C PHE A 164 13.59 -0.63 -17.89
N ASP A 165 14.21 0.27 -17.12
CA ASP A 165 15.36 1.05 -17.59
C ASP A 165 15.09 1.65 -18.98
N ALA A 166 13.84 1.72 -19.38
CA ALA A 166 13.48 2.21 -20.71
C ALA A 166 12.32 3.16 -20.61
N GLY A 167 12.31 3.95 -19.55
CA GLY A 167 11.22 4.85 -19.30
C GLY A 167 11.40 5.59 -18.00
N TYR A 168 10.54 6.56 -17.78
CA TYR A 168 10.63 7.42 -16.62
C TYR A 168 9.30 8.08 -16.34
N LEU A 169 9.22 8.79 -15.22
CA LEU A 169 8.05 9.60 -14.93
C LEU A 169 8.42 11.07 -14.96
N PHE A 170 7.44 11.91 -15.23
CA PHE A 170 7.62 13.34 -15.20
C PHE A 170 6.34 14.03 -14.70
N ILE A 171 6.42 15.32 -14.38
CA ILE A 171 5.27 16.02 -13.79
C ILE A 171 5.08 17.37 -14.50
N THR A 172 3.84 17.74 -14.78
CA THR A 172 3.55 19.01 -15.45
C THR A 172 2.43 19.73 -14.74
N THR A 173 2.23 21.01 -15.08
CA THR A 173 1.06 21.75 -14.59
C THR A 173 -0.19 21.40 -15.41
N LYS A 174 -1.32 21.99 -15.05
CA LYS A 174 -2.57 21.75 -15.77
C LYS A 174 -2.51 22.27 -17.21
N ASP A 175 -1.55 23.16 -17.50
CA ASP A 175 -1.34 23.64 -18.88
C ASP A 175 -0.17 22.95 -19.57
N GLY A 176 0.43 21.95 -18.93
CA GLY A 176 1.45 21.15 -19.57
C GLY A 176 2.87 21.65 -19.48
N VAL A 177 3.10 22.65 -18.63
CA VAL A 177 4.47 23.10 -18.37
C VAL A 177 5.14 22.09 -17.42
N THR A 178 6.33 21.64 -17.82
CA THR A 178 7.06 20.62 -17.06
C THR A 178 7.67 21.20 -15.79
N ILE A 179 7.50 20.52 -14.66
CA ILE A 179 8.05 21.02 -13.42
C ILE A 179 8.92 19.99 -12.71
N ALA A 180 9.02 18.79 -13.29
CA ALA A 180 9.94 17.76 -12.83
C ALA A 180 10.17 16.74 -13.94
N HIS A 181 11.41 16.29 -14.08
CA HIS A 181 11.83 15.50 -15.21
C HIS A 181 13.26 15.02 -14.91
N PRO A 182 13.58 13.73 -15.14
CA PRO A 182 14.97 13.30 -14.92
C PRO A 182 16.00 14.17 -15.64
N ASN A 183 15.72 14.60 -16.87
CA ASN A 183 16.57 15.60 -17.53
C ASN A 183 16.03 17.00 -17.27
N ALA A 184 16.67 17.73 -16.37
CA ALA A 184 16.17 19.01 -15.89
C ALA A 184 16.16 20.15 -16.92
N GLU A 185 16.83 20.02 -18.06
CA GLU A 185 16.71 21.05 -19.11
C GLU A 185 15.25 21.27 -19.45
N ASN A 186 14.47 20.17 -19.48
CA ASN A 186 13.07 20.24 -19.91
C ASN A 186 12.12 20.98 -18.98
N ASN A 187 12.54 21.27 -17.75
CA ASN A 187 11.65 22.00 -16.84
C ASN A 187 11.39 23.42 -17.36
N GLY A 188 10.15 23.87 -17.21
CA GLY A 188 9.75 25.13 -17.79
C GLY A 188 9.19 24.99 -19.20
N GLU A 189 9.62 23.95 -19.92
CA GLU A 189 9.11 23.64 -21.27
C GLU A 189 7.74 22.99 -21.21
N LYS A 190 6.90 23.24 -22.21
CA LYS A 190 5.73 22.42 -22.43
C LYS A 190 6.20 21.01 -22.78
N PHE A 191 5.51 19.98 -22.30
CA PHE A 191 6.03 18.62 -22.44
C PHE A 191 6.11 18.17 -23.91
N SER A 192 5.25 18.73 -24.75
CA SER A 192 5.27 18.43 -26.18
C SER A 192 6.60 18.72 -26.87
N GLN A 193 7.48 19.47 -26.19
CA GLN A 193 8.82 19.67 -26.70
C GLN A 193 9.69 18.42 -26.62
N PHE A 194 9.43 17.53 -25.68
CA PHE A 194 10.17 16.27 -25.71
C PHE A 194 9.26 15.07 -26.01
N LEU A 195 7.94 15.27 -25.90
CA LEU A 195 6.98 14.21 -26.18
C LEU A 195 5.84 14.69 -27.08
N PRO A 196 6.13 14.90 -28.37
CA PRO A 196 5.09 15.39 -29.28
C PRO A 196 4.03 14.34 -29.58
N ASN A 197 2.87 14.80 -30.05
CA ASN A 197 1.73 14.00 -30.51
C ASN A 197 1.02 13.25 -29.39
N VAL A 198 1.11 13.84 -28.21
CA VAL A 198 0.50 13.33 -27.00
C VAL A 198 -0.47 14.37 -26.44
N ASP A 199 -1.70 13.95 -26.15
CA ASP A 199 -2.66 14.84 -25.50
C ASP A 199 -2.51 14.84 -23.95
N LEU A 200 -2.82 15.95 -23.29
CA LEU A 200 -2.75 16.00 -21.83
C LEU A 200 -4.08 15.53 -21.27
N LYS A 201 -4.13 14.27 -20.86
CA LYS A 201 -5.38 13.69 -20.41
C LYS A 201 -5.05 12.33 -19.84
N GLU A 202 -5.90 11.87 -18.93
CA GLU A 202 -5.85 10.50 -18.42
C GLU A 202 -6.10 9.55 -19.58
N GLY A 203 -5.64 8.32 -19.45
CA GLY A 203 -5.81 7.35 -20.53
C GLY A 203 -4.49 6.83 -21.04
N THR A 204 -4.55 5.82 -21.88
CA THR A 204 -3.35 5.27 -22.46
C THR A 204 -3.16 5.73 -23.91
N GLN A 205 -2.03 6.39 -24.17
CA GLN A 205 -1.69 6.82 -25.53
C GLN A 205 -0.44 6.10 -26.07
N ARG A 206 -0.47 5.77 -27.34
CA ARG A 206 0.68 5.17 -28.01
C ARG A 206 1.16 6.05 -29.17
N ILE A 207 2.46 6.34 -29.22
CA ILE A 207 3.03 7.22 -30.23
C ILE A 207 4.30 6.64 -30.84
N GLU A 208 4.71 7.25 -31.95
CA GLU A 208 5.98 6.93 -32.58
C GLU A 208 6.82 8.20 -32.52
N LEU A 209 8.10 8.06 -32.22
CA LEU A 209 8.96 9.23 -32.15
C LEU A 209 10.36 8.83 -32.57
N ASP A 210 10.83 9.42 -33.66
CA ASP A 210 12.17 9.20 -34.19
C ASP A 210 12.52 7.74 -34.32
N GLY A 211 11.61 6.99 -34.92
CA GLY A 211 11.83 5.57 -35.15
C GLY A 211 11.60 4.67 -33.94
N LYS A 212 11.16 5.23 -32.81
CA LYS A 212 10.80 4.35 -31.70
C LYS A 212 9.32 4.44 -31.36
N TYR A 213 8.86 3.45 -30.61
CA TYR A 213 7.47 3.35 -30.21
C TYR A 213 7.35 3.48 -28.70
N TYR A 214 6.52 4.42 -28.25
CA TYR A 214 6.39 4.68 -26.82
C TYR A 214 4.98 4.49 -26.32
N LEU A 215 4.87 4.03 -25.07
CA LEU A 215 3.59 4.03 -24.38
C LEU A 215 3.61 5.15 -23.36
N VAL A 216 2.50 5.88 -23.25
CA VAL A 216 2.40 7.01 -22.34
C VAL A 216 1.10 6.93 -21.56
N LYS A 217 1.15 7.15 -20.25
CA LYS A 217 -0.05 7.32 -19.44
C LYS A 217 0.06 8.50 -18.49
N PHE A 218 -1.02 9.27 -18.40
CA PHE A 218 -1.11 10.38 -17.46
C PHE A 218 -2.08 10.11 -16.33
N ALA A 219 -1.82 10.74 -15.20
CA ALA A 219 -2.77 10.78 -14.10
C ALA A 219 -2.73 12.16 -13.49
N GLN A 220 -3.87 12.62 -12.99
CA GLN A 220 -3.95 13.94 -12.39
C GLN A 220 -3.68 13.87 -10.87
N VAL A 221 -3.12 14.94 -10.31
CA VAL A 221 -3.16 15.15 -8.87
C VAL A 221 -4.12 16.31 -8.61
N PRO A 222 -5.39 15.99 -8.31
CA PRO A 222 -6.46 17.00 -8.36
C PRO A 222 -6.23 18.22 -7.46
N SER A 223 -5.61 18.04 -6.31
CA SER A 223 -5.47 19.15 -5.38
C SER A 223 -4.52 20.25 -5.89
N GLU A 224 -3.54 19.87 -6.72
CA GLU A 224 -2.60 20.84 -7.25
C GLU A 224 -2.88 21.07 -8.72
N SER A 225 -3.78 20.25 -9.25
CA SER A 225 -4.07 20.22 -10.67
C SER A 225 -2.82 19.91 -11.48
N TRP A 226 -1.94 19.07 -10.94
CA TRP A 226 -0.76 18.64 -11.69
C TRP A 226 -1.04 17.34 -12.43
N TYR A 227 -0.23 17.05 -13.42
CA TYR A 227 -0.29 15.78 -14.15
C TYR A 227 1.01 14.99 -13.94
N ILE A 228 0.88 13.68 -13.78
CA ILE A 228 2.03 12.81 -13.71
C ILE A 228 2.04 11.96 -14.96
N GLY A 229 3.18 11.97 -15.64
CA GLY A 229 3.30 11.27 -16.90
C GLY A 229 4.23 10.11 -16.71
N ALA A 230 3.89 8.98 -17.32
CA ALA A 230 4.80 7.84 -17.39
C ALA A 230 4.94 7.48 -18.85
N VAL A 231 6.17 7.30 -19.29
CA VAL A 231 6.45 6.99 -20.68
C VAL A 231 7.53 5.89 -20.77
N VAL A 232 7.26 4.81 -21.51
CA VAL A 232 8.25 3.75 -21.79
C VAL A 232 8.44 3.50 -23.27
N ASP A 233 9.64 3.05 -23.65
CA ASP A 233 9.84 2.41 -24.97
C ASP A 233 9.07 1.09 -24.97
N GLU A 234 8.12 0.92 -25.89
CA GLU A 234 7.25 -0.25 -25.81
C GLU A 234 7.92 -1.50 -26.39
N SER A 235 8.86 -1.33 -27.31
CA SER A 235 9.62 -2.45 -27.83
C SER A 235 10.49 -3.07 -26.75
N ILE A 236 11.18 -2.23 -25.99
CA ILE A 236 12.01 -2.73 -24.91
C ILE A 236 11.20 -3.45 -23.84
N ALA A 237 10.15 -2.77 -23.36
CA ALA A 237 9.26 -3.33 -22.35
C ALA A 237 8.65 -4.64 -22.86
N PHE A 238 8.32 -4.71 -24.14
CA PHE A 238 7.83 -5.97 -24.72
C PHE A 238 8.90 -7.06 -24.64
N ALA A 239 10.13 -6.71 -25.00
CA ALA A 239 11.26 -7.63 -24.90
C ALA A 239 11.43 -8.17 -23.48
N MET A 240 11.34 -7.29 -22.49
CA MET A 240 11.48 -7.70 -21.10
C MET A 240 10.36 -8.60 -20.59
N VAL A 241 9.12 -8.33 -20.98
CA VAL A 241 8.00 -9.10 -20.47
C VAL A 241 7.90 -10.48 -21.15
N ASP A 242 8.10 -10.52 -22.46
CA ASP A 242 8.10 -11.80 -23.18
C ASP A 242 9.25 -12.69 -22.69
N ASP A 243 10.42 -12.11 -22.47
CA ASP A 243 11.59 -12.87 -22.01
C ASP A 243 11.35 -13.56 -20.66
N LEU A 244 10.47 -12.99 -19.84
CA LEU A 244 10.12 -13.65 -18.59
C LEU A 244 8.62 -14.03 -18.58
N GLY B 4 0.11 -26.46 12.14
CA GLY B 4 0.77 -26.58 10.84
C GLY B 4 0.33 -25.54 9.81
N SER B 5 0.02 -26.00 8.60
CA SER B 5 -0.31 -25.12 7.48
C SER B 5 -1.46 -24.13 7.73
N VAL B 6 -2.61 -24.60 8.20
CA VAL B 6 -3.73 -23.69 8.43
C VAL B 6 -3.42 -22.71 9.58
N ARG B 7 -2.80 -23.20 10.65
CA ARG B 7 -2.42 -22.33 11.77
C ARG B 7 -1.42 -21.25 11.33
N GLU B 8 -0.50 -21.63 10.46
CA GLU B 8 0.52 -20.71 9.97
C GLU B 8 -0.10 -19.62 9.09
N GLU B 9 -1.12 -20.00 8.32
CA GLU B 9 -1.81 -19.04 7.47
C GLU B 9 -2.57 -18.02 8.32
N ILE B 10 -3.22 -18.50 9.39
CA ILE B 10 -3.90 -17.62 10.32
C ILE B 10 -2.92 -16.60 10.87
N GLU B 11 -1.77 -17.10 11.29
CA GLU B 11 -0.74 -16.22 11.78
C GLU B 11 -0.36 -15.22 10.67
N SER B 12 -0.23 -15.70 9.44
CA SER B 12 0.16 -14.82 8.33
C SER B 12 -0.86 -13.70 8.11
N LEU B 13 -2.15 -14.04 8.13
CA LEU B 13 -3.21 -13.06 7.90
C LEU B 13 -3.30 -12.00 9.00
N VAL B 14 -3.28 -12.45 10.24
CA VAL B 14 -3.25 -11.58 11.42
C VAL B 14 -2.06 -10.61 11.34
N GLN B 15 -0.93 -11.08 10.84
CA GLN B 15 0.25 -10.26 10.69
C GLN B 15 0.04 -9.20 9.61
N ASP B 16 -0.56 -9.61 8.50
CA ASP B 16 -0.87 -8.67 7.42
C ASP B 16 -1.74 -7.53 7.92
N SER B 17 -2.72 -7.83 8.77
CA SER B 17 -3.60 -6.78 9.30
C SER B 17 -2.92 -5.91 10.35
N LEU B 18 -2.02 -6.51 11.11
CA LEU B 18 -1.31 -5.73 12.11
C LEU B 18 -0.42 -4.69 11.45
N MET B 19 0.18 -5.06 10.32
CA MET B 19 1.11 -4.17 9.64
C MET B 19 0.33 -3.08 8.94
N GLU B 20 -0.85 -3.43 8.42
CA GLU B 20 -1.70 -2.42 7.81
C GLU B 20 -2.16 -1.40 8.85
N MET B 21 -2.43 -1.87 10.06
CA MET B 21 -2.87 -0.99 11.13
C MET B 21 -1.70 -0.10 11.63
N VAL B 22 -0.49 -0.62 11.60
CA VAL B 22 0.66 0.19 11.95
C VAL B 22 0.83 1.30 10.92
N LYS B 23 0.81 0.94 9.65
CA LYS B 23 0.92 1.91 8.55
C LYS B 23 -0.21 2.96 8.61
N GLY B 24 -1.40 2.52 8.99
CA GLY B 24 -2.53 3.41 9.09
C GLY B 24 -2.38 4.40 10.21
N VAL B 25 -1.86 3.93 11.34
CA VAL B 25 -1.66 4.81 12.48
C VAL B 25 -0.61 5.87 12.18
N LYS B 26 0.50 5.48 11.56
CA LYS B 26 1.55 6.44 11.21
C LYS B 26 1.07 7.44 10.17
N ASN B 27 0.12 7.03 9.34
CA ASN B 27 -0.33 7.87 8.23
C ASN B 27 -1.53 8.75 8.54
N THR B 28 -2.08 8.62 9.74
CA THR B 28 -3.18 9.48 10.12
C THR B 28 -2.74 10.29 11.31
N ILE B 29 -2.86 9.72 12.50
CA ILE B 29 -2.62 10.51 13.68
C ILE B 29 -1.15 10.94 13.80
N GLU B 30 -0.21 10.13 13.34
CA GLU B 30 1.19 10.51 13.48
C GLU B 30 1.56 11.71 12.60
N SER B 31 1.10 11.70 11.36
CA SER B 31 1.29 12.80 10.43
C SER B 31 0.65 14.08 10.95
N ASP B 32 -0.59 13.93 11.39
CA ASP B 32 -1.35 15.03 11.93
C ASP B 32 -0.65 15.64 13.16
N LEU B 33 -0.14 14.77 14.04
CA LEU B 33 0.68 15.21 15.19
C LEU B 33 1.90 16.04 14.77
N ALA B 34 2.67 15.55 13.79
CA ALA B 34 3.79 16.28 13.22
C ALA B 34 3.34 17.67 12.81
N SER B 35 2.21 17.73 12.11
CA SER B 35 1.64 19.01 11.69
C SER B 35 1.33 19.93 12.89
N LYS B 36 0.65 19.41 13.90
CA LYS B 36 0.28 20.22 15.07
C LYS B 36 1.50 20.68 15.88
N LYS B 37 2.51 19.83 15.96
CA LYS B 37 3.75 20.18 16.64
C LYS B 37 4.36 21.43 16.03
N GLY B 38 4.29 21.54 14.70
CA GLY B 38 4.80 22.71 14.01
C GLY B 38 4.01 23.95 14.37
N LEU B 39 2.69 23.80 14.36
CA LEU B 39 1.77 24.86 14.74
C LEU B 39 1.96 25.29 16.20
N ALA B 40 1.95 24.32 17.10
CA ALA B 40 2.11 24.62 18.53
C ALA B 40 3.48 25.26 18.82
N GLN B 41 4.51 24.89 18.05
CA GLN B 41 5.85 25.45 18.26
C GLN B 41 5.92 26.91 17.81
N SER B 42 5.28 27.24 16.68
CA SER B 42 5.23 28.64 16.25
C SER B 42 4.27 29.48 17.10
N THR B 43 3.22 28.88 17.65
CA THR B 43 2.33 29.66 18.49
C THR B 43 3.08 30.05 19.74
N THR B 44 3.81 29.09 20.27
CA THR B 44 4.59 29.35 21.46
C THR B 44 5.64 30.43 21.19
N GLU B 45 6.44 30.30 20.14
CA GLU B 45 7.53 31.28 19.89
C GLU B 45 7.04 32.72 19.66
N ILE B 46 5.85 32.85 19.08
CA ILE B 46 5.21 34.14 18.87
C ILE B 46 4.67 34.71 20.17
N LEU B 47 4.22 33.85 21.08
CA LEU B 47 3.75 34.33 22.37
C LEU B 47 4.94 34.75 23.22
N GLN B 48 6.14 34.22 22.94
CA GLN B 48 7.34 34.69 23.67
C GLN B 48 7.77 36.10 23.23
N LEU B 49 7.10 36.67 22.23
CA LEU B 49 7.33 38.06 21.88
C LEU B 49 6.86 38.95 23.03
N ASP B 50 5.92 38.44 23.83
CA ASP B 50 5.30 39.20 24.92
C ASP B 50 4.59 38.26 25.92
N PRO B 51 5.36 37.39 26.61
CA PRO B 51 4.80 36.27 27.37
C PRO B 51 3.82 36.70 28.48
N THR B 52 4.09 37.83 29.13
CA THR B 52 3.32 38.23 30.30
C THR B 52 2.06 39.01 29.90
N ASN B 53 2.07 39.55 28.67
CA ASN B 53 0.89 40.24 28.12
C ASN B 53 -0.31 39.28 27.96
N LYS B 54 -1.18 39.25 28.95
CA LYS B 54 -2.28 38.27 28.94
C LYS B 54 -3.34 38.50 27.85
N ALA B 55 -3.55 39.76 27.44
CA ALA B 55 -4.60 40.06 26.46
C ALA B 55 -4.17 39.65 25.04
N PHE B 56 -2.89 39.83 24.75
CA PHE B 56 -2.30 39.37 23.49
C PHE B 56 -2.41 37.83 23.37
N ALA B 57 -2.06 37.14 24.46
CA ALA B 57 -2.14 35.68 24.54
C ALA B 57 -3.55 35.20 24.22
N LYS B 58 -4.55 35.92 24.72
CA LYS B 58 -5.94 35.53 24.53
C LYS B 58 -6.43 35.77 23.10
N SER B 59 -6.06 36.91 22.50
CA SER B 59 -6.51 37.19 21.13
C SER B 59 -5.85 36.22 20.12
N VAL B 60 -4.60 35.82 20.40
CA VAL B 60 -3.95 34.76 19.62
C VAL B 60 -4.66 33.40 19.73
N LEU B 61 -4.86 32.92 20.96
CA LEU B 61 -5.52 31.63 21.18
C LEU B 61 -6.96 31.60 20.67
N GLU B 62 -7.58 32.77 20.50
CA GLU B 62 -8.96 32.81 20.02
C GLU B 62 -8.99 33.02 18.50
N SER B 63 -7.83 33.13 17.86
CA SER B 63 -7.78 33.16 16.40
C SER B 63 -8.31 31.84 15.83
N PRO B 64 -9.16 31.95 14.79
CA PRO B 64 -9.99 30.88 14.22
C PRO B 64 -9.23 29.61 13.80
N ASN B 65 -8.33 29.72 12.82
CA ASN B 65 -7.62 28.53 12.39
C ASN B 65 -6.90 27.78 13.52
N LEU B 66 -6.24 28.50 14.42
CA LEU B 66 -5.59 27.89 15.58
C LEU B 66 -6.62 27.27 16.54
N LYS B 67 -7.71 27.98 16.80
CA LYS B 67 -8.68 27.48 17.76
C LYS B 67 -9.47 26.31 17.17
N GLY B 68 -9.38 26.12 15.87
CA GLY B 68 -10.02 24.99 15.21
C GLY B 68 -9.10 23.81 14.97
N SER B 69 -7.87 23.89 15.46
CA SER B 69 -6.83 22.91 15.15
C SER B 69 -6.60 21.99 16.33
N PHE B 70 -7.11 22.43 17.48
CA PHE B 70 -6.91 21.71 18.70
C PHE B 70 -8.22 21.61 19.45
N LEU B 71 -8.31 20.62 20.33
CA LEU B 71 -9.46 20.49 21.23
C LEU B 71 -9.62 21.78 22.01
N ALA B 72 -8.54 22.17 22.69
CA ALA B 72 -8.45 23.43 23.42
C ALA B 72 -6.98 23.78 23.57
N ILE B 73 -6.70 25.05 23.89
CA ILE B 73 -5.34 25.53 24.10
C ILE B 73 -5.32 26.44 25.31
N GLY B 74 -4.24 26.40 26.08
CA GLY B 74 -4.09 27.34 27.17
C GLY B 74 -2.66 27.57 27.64
N LEU B 75 -2.52 28.56 28.49
CA LEU B 75 -1.22 28.92 29.06
C LEU B 75 -1.40 29.19 30.55
N GLY B 76 -0.57 28.53 31.36
CA GLY B 76 -0.62 28.65 32.80
C GLY B 76 0.69 29.22 33.31
N TYR B 77 0.62 30.12 34.28
CA TYR B 77 1.81 30.88 34.67
C TYR B 77 2.49 30.33 35.89
N GLU B 78 3.81 30.28 35.84
CA GLU B 78 4.59 29.76 36.97
C GLU B 78 4.30 30.52 38.26
N SER B 79 4.68 31.80 38.30
CA SER B 79 4.56 32.63 39.50
C SER B 79 3.16 32.69 40.08
N ASP B 80 2.17 32.31 39.29
CA ASP B 80 0.80 32.81 39.47
C ASP B 80 -0.26 31.71 39.47
N ALA B 81 0.00 30.62 38.75
CA ALA B 81 -0.98 29.58 38.48
C ALA B 81 -2.26 30.13 37.81
N THR B 82 -2.19 31.33 37.24
CA THR B 82 -3.30 31.84 36.46
C THR B 82 -3.27 31.17 35.09
N VAL B 83 -4.45 31.05 34.46
CA VAL B 83 -4.60 30.33 33.19
C VAL B 83 -5.37 31.11 32.13
N VAL B 84 -4.73 31.33 30.99
CA VAL B 84 -5.39 31.88 29.82
C VAL B 84 -5.72 30.72 28.88
N GLU B 85 -6.98 30.58 28.50
CA GLU B 85 -7.40 29.42 27.70
C GLU B 85 -8.57 29.73 26.79
N ASN B 86 -8.73 28.93 25.73
CA ASN B 86 -9.74 29.20 24.70
C ASN B 86 -10.92 28.21 24.69
N ASP B 87 -11.11 27.52 25.81
CA ASP B 87 -12.18 26.55 25.91
C ASP B 87 -13.49 27.27 26.23
N ASP B 88 -14.46 27.19 25.32
CA ASP B 88 -15.78 27.78 25.54
C ASP B 88 -16.71 26.90 26.38
N GLY B 89 -16.15 25.97 27.12
CA GLY B 89 -16.97 25.06 27.90
C GLY B 89 -16.26 24.65 29.17
N TRP B 90 -15.33 25.48 29.60
CA TRP B 90 -14.56 25.21 30.80
C TRP B 90 -13.96 26.50 31.33
N GLU B 91 -13.83 26.59 32.64
CA GLU B 91 -13.07 27.64 33.28
C GLU B 91 -12.47 27.00 34.53
N PRO B 92 -11.17 27.21 34.77
CA PRO B 92 -10.47 26.61 35.91
C PRO B 92 -11.18 26.84 37.24
N ASN B 93 -11.49 25.80 38.02
CA ASN B 93 -12.09 26.06 39.33
C ASN B 93 -11.00 26.42 40.34
N ALA B 94 -11.40 26.67 41.58
CA ALA B 94 -10.47 27.18 42.60
C ALA B 94 -9.39 26.16 42.93
N ASP B 95 -9.59 24.91 42.52
CA ASP B 95 -8.63 23.86 42.78
C ASP B 95 -7.56 23.71 41.70
N TYR B 96 -7.88 24.12 40.48
CA TYR B 96 -6.97 23.94 39.33
C TYR B 96 -5.62 24.65 39.49
N ASP B 97 -4.54 23.88 39.41
CA ASP B 97 -3.20 24.45 39.37
C ASP B 97 -2.48 23.88 38.17
N PRO B 98 -2.35 24.68 37.10
CA PRO B 98 -1.68 24.27 35.85
C PRO B 98 -0.33 23.67 36.14
N ARG B 99 0.40 24.24 37.11
CA ARG B 99 1.73 23.77 37.44
C ARG B 99 1.78 22.29 37.89
N LYS B 100 0.61 21.69 38.14
CA LYS B 100 0.60 20.29 38.57
C LYS B 100 0.10 19.35 37.49
N ARG B 101 -0.35 19.92 36.37
CA ARG B 101 -0.78 19.15 35.21
C ARG B 101 0.38 18.49 34.46
N PRO B 102 0.13 17.33 33.82
CA PRO B 102 1.17 16.56 33.13
C PRO B 102 1.88 17.30 31.98
N TRP B 103 1.11 18.11 31.23
CA TRP B 103 1.65 18.86 30.12
C TRP B 103 2.63 19.90 30.63
N TYR B 104 2.26 20.56 31.71
CA TYR B 104 3.13 21.55 32.36
C TYR B 104 4.40 20.87 32.85
N VAL B 105 4.22 19.76 33.58
CA VAL B 105 5.29 19.01 34.22
C VAL B 105 6.36 18.53 33.25
N ASP B 106 5.92 17.83 32.21
CA ASP B 106 6.82 17.34 31.18
C ASP B 106 7.56 18.50 30.49
N ALA B 107 6.83 19.55 30.12
CA ALA B 107 7.43 20.69 29.41
C ALA B 107 8.49 21.36 30.25
N LYS B 108 8.21 21.51 31.53
CA LYS B 108 9.15 22.16 32.43
C LYS B 108 10.34 21.23 32.66
N ARG B 109 10.07 19.93 32.70
CA ARG B 109 11.15 18.96 32.82
C ARG B 109 12.05 18.96 31.60
N GLU B 110 11.49 18.64 30.43
CA GLU B 110 12.28 18.52 29.20
C GLU B 110 12.81 19.85 28.64
N ARG B 111 12.22 20.96 29.09
CA ARG B 111 12.59 22.30 28.63
C ARG B 111 12.45 22.51 27.11
N LYS B 112 11.71 21.61 26.45
CA LYS B 112 11.37 21.78 25.05
C LYS B 112 9.97 21.20 24.81
N LEU B 113 9.54 21.22 23.56
CA LEU B 113 8.22 20.73 23.23
C LEU B 113 8.12 19.22 23.53
N VAL B 114 6.98 18.80 24.08
CA VAL B 114 6.75 17.43 24.43
C VAL B 114 5.36 17.01 24.01
N VAL B 115 5.16 15.70 23.92
CA VAL B 115 3.83 15.10 23.76
C VAL B 115 3.60 14.25 25.01
N THR B 116 2.48 14.45 25.69
CA THR B 116 2.19 13.70 26.92
C THR B 116 1.70 12.30 26.62
N GLU B 117 1.80 11.45 27.62
CA GLU B 117 1.10 10.19 27.60
C GLU B 117 -0.39 10.47 27.66
N PRO B 118 -1.20 9.53 27.17
CA PRO B 118 -2.66 9.58 27.30
C PRO B 118 -3.10 9.77 28.75
N TYR B 119 -3.99 10.73 29.00
CA TYR B 119 -4.47 11.02 30.33
C TYR B 119 -5.90 11.53 30.24
N VAL B 120 -6.62 11.53 31.37
CA VAL B 120 -7.99 12.02 31.40
C VAL B 120 -8.02 13.54 31.50
N ASP B 121 -8.68 14.13 30.52
CA ASP B 121 -8.83 15.58 30.43
C ASP B 121 -9.72 16.09 31.55
N ILE B 122 -9.27 17.12 32.26
CA ILE B 122 -10.04 17.69 33.36
C ILE B 122 -11.38 18.29 32.86
N SER B 123 -11.36 18.87 31.66
CA SER B 123 -12.57 19.44 31.07
C SER B 123 -13.54 18.36 30.56
N THR B 124 -13.18 17.70 29.46
CA THR B 124 -14.09 16.78 28.77
C THR B 124 -14.19 15.38 29.40
N LYS B 125 -13.30 15.09 30.36
CA LYS B 125 -13.17 13.77 31.00
C LYS B 125 -12.79 12.62 30.06
N LYS B 126 -12.60 12.90 28.77
CA LYS B 126 -12.15 11.88 27.83
C LYS B 126 -10.61 11.70 27.91
N ILE B 127 -10.13 10.56 27.43
CA ILE B 127 -8.69 10.30 27.36
C ILE B 127 -8.09 10.96 26.11
N ILE B 128 -7.10 11.83 26.34
CA ILE B 128 -6.52 12.65 25.27
C ILE B 128 -5.02 12.68 25.41
N ILE B 129 -4.35 13.28 24.43
CA ILE B 129 -2.96 13.69 24.63
C ILE B 129 -2.84 15.21 24.48
N SER B 130 -1.81 15.77 25.09
CA SER B 130 -1.51 17.20 24.95
C SER B 130 -0.07 17.41 24.47
N ILE B 131 0.13 18.37 23.61
CA ILE B 131 1.48 18.86 23.34
C ILE B 131 1.79 19.81 24.47
N GLY B 132 3.01 19.77 24.97
CA GLY B 132 3.40 20.73 25.97
C GLY B 132 4.58 21.55 25.45
N THR B 133 4.56 22.84 25.73
CA THR B 133 5.69 23.69 25.40
C THR B 133 6.03 24.63 26.56
N PRO B 134 7.33 24.78 26.83
CA PRO B 134 7.80 25.75 27.83
C PRO B 134 7.68 27.17 27.28
N VAL B 135 7.42 28.13 28.15
CA VAL B 135 7.41 29.52 27.75
C VAL B 135 8.56 30.26 28.44
N TYR B 136 9.40 30.92 27.67
CA TYR B 136 10.56 31.61 28.23
C TYR B 136 10.56 33.11 27.93
N GLN B 137 10.92 33.91 28.92
CA GLN B 137 11.16 35.34 28.70
C GLN B 137 12.56 35.67 29.18
N GLN B 138 13.31 36.40 28.35
CA GLN B 138 14.72 36.76 28.59
C GLN B 138 15.45 35.69 29.38
N SER B 139 15.32 34.43 28.95
CA SER B 139 15.99 33.27 29.54
C SER B 139 15.48 32.83 30.93
N ASN B 140 14.19 32.95 31.20
CA ASN B 140 13.62 32.26 32.36
C ASN B 140 12.17 31.78 32.19
N PHE B 141 11.88 30.67 32.86
CA PHE B 141 10.59 30.00 32.80
C PHE B 141 9.47 30.83 33.41
N VAL B 142 8.48 31.21 32.61
CA VAL B 142 7.34 31.94 33.16
C VAL B 142 6.05 31.13 33.05
N GLY B 143 6.15 29.93 32.49
CA GLY B 143 4.98 29.07 32.33
C GLY B 143 5.10 28.03 31.23
N ALA B 144 4.06 27.22 31.08
CA ALA B 144 4.02 26.19 30.04
C ALA B 144 2.66 26.21 29.38
N MET B 145 2.58 25.66 28.17
CA MET B 145 1.35 25.69 27.39
C MET B 145 0.81 24.30 27.09
N PHE B 146 -0.46 24.23 26.73
CA PHE B 146 -1.00 22.97 26.29
C PHE B 146 -1.77 23.07 24.98
N TYR B 147 -1.65 22.03 24.17
CA TYR B 147 -2.43 21.91 22.97
C TYR B 147 -3.06 20.54 23.00
N ASP B 148 -4.36 20.50 23.28
CA ASP B 148 -5.05 19.24 23.48
C ASP B 148 -5.46 18.63 22.16
N VAL B 149 -5.19 17.33 22.04
CA VAL B 149 -5.45 16.58 20.83
C VAL B 149 -6.31 15.37 21.16
N GLU B 150 -7.43 15.24 20.48
CA GLU B 150 -8.30 14.09 20.70
C GLU B 150 -7.77 12.83 20.01
N LEU B 151 -8.19 11.66 20.51
CA LEU B 151 -7.73 10.37 19.99
C LEU B 151 -8.80 9.63 19.17
N THR B 152 -9.80 10.37 18.69
CA THR B 152 -10.90 9.82 17.91
C THR B 152 -10.49 8.94 16.71
N GLN B 153 -9.39 9.30 16.06
CA GLN B 153 -8.85 8.56 14.93
C GLN B 153 -8.44 7.14 15.27
N LEU B 154 -7.96 6.93 16.50
CA LEU B 154 -7.65 5.59 16.96
C LEU B 154 -8.91 4.73 16.98
N ALA B 155 -9.97 5.24 17.61
CA ALA B 155 -11.26 4.56 17.59
C ALA B 155 -11.72 4.31 16.14
N GLN B 156 -11.53 5.30 15.27
CA GLN B 156 -11.90 5.14 13.86
C GLN B 156 -11.21 3.92 13.28
N LEU B 157 -9.91 3.88 13.48
CA LEU B 157 -9.10 2.77 12.97
C LEU B 157 -9.58 1.39 13.50
N VAL B 158 -9.70 1.22 14.82
CA VAL B 158 -10.01 -0.12 15.33
C VAL B 158 -11.47 -0.54 15.10
N ASN B 159 -12.33 0.40 14.73
CA ASN B 159 -13.72 0.06 14.44
C ASN B 159 -13.98 -0.16 12.97
N SER B 160 -12.93 -0.03 12.16
CA SER B 160 -13.05 -0.15 10.72
C SER B 160 -12.58 -1.53 10.23
N VAL B 161 -11.91 -2.29 11.08
CA VAL B 161 -11.46 -3.61 10.67
C VAL B 161 -11.80 -4.68 11.67
N ASN B 162 -11.89 -5.89 11.15
CA ASN B 162 -12.32 -7.07 11.89
C ASN B 162 -11.67 -8.32 11.26
N LEU B 163 -10.73 -8.91 11.99
CA LEU B 163 -9.93 -10.02 11.48
C LEU B 163 -10.80 -11.21 11.11
N PHE B 164 -11.22 -11.22 9.85
CA PHE B 164 -12.15 -12.21 9.29
C PHE B 164 -13.14 -12.75 10.33
N ASP B 165 -13.83 -11.82 10.98
CA ASP B 165 -14.87 -12.11 11.99
C ASP B 165 -14.50 -13.14 13.06
N ALA B 166 -13.22 -13.20 13.42
CA ALA B 166 -12.76 -14.10 14.49
C ALA B 166 -12.03 -13.32 15.60
N GLY B 167 -11.86 -12.02 15.40
CA GLY B 167 -11.25 -11.18 16.38
C GLY B 167 -11.07 -9.79 15.83
N TYR B 168 -10.14 -9.03 16.41
CA TYR B 168 -10.09 -7.59 16.22
C TYR B 168 -8.75 -6.99 16.67
N LEU B 169 -8.61 -5.70 16.46
CA LEU B 169 -7.41 -4.99 16.90
C LEU B 169 -7.72 -3.98 17.99
N PHE B 170 -6.71 -3.61 18.76
CA PHE B 170 -6.87 -2.68 19.88
C PHE B 170 -5.54 -1.99 20.11
N ILE B 171 -5.54 -0.91 20.88
CA ILE B 171 -4.32 -0.13 21.05
C ILE B 171 -4.09 0.21 22.52
N THR B 172 -2.84 0.18 22.97
CA THR B 172 -2.53 0.52 24.36
C THR B 172 -1.30 1.41 24.45
N THR B 173 -1.17 2.12 25.57
CA THR B 173 0.03 2.87 25.91
C THR B 173 1.19 1.92 26.21
N LYS B 174 2.38 2.46 26.46
CA LYS B 174 3.56 1.64 26.78
C LYS B 174 3.40 0.92 28.11
N ASP B 175 2.45 1.37 28.93
CA ASP B 175 2.25 0.77 30.25
C ASP B 175 1.14 -0.27 30.22
N GLY B 176 0.43 -0.34 29.10
CA GLY B 176 -0.59 -1.36 28.93
C GLY B 176 -1.99 -0.85 29.13
N VAL B 177 -2.18 0.47 29.11
CA VAL B 177 -3.51 1.06 29.26
C VAL B 177 -4.20 1.19 27.89
N THR B 178 -5.37 0.58 27.76
CA THR B 178 -6.12 0.59 26.51
C THR B 178 -6.63 1.99 26.15
N ILE B 179 -6.27 2.49 24.98
CA ILE B 179 -6.74 3.79 24.54
C ILE B 179 -7.67 3.66 23.33
N ALA B 180 -7.71 2.48 22.72
CA ALA B 180 -8.72 2.19 21.71
C ALA B 180 -9.05 0.69 21.66
N HIS B 181 -10.34 0.40 21.48
CA HIS B 181 -10.88 -0.95 21.53
C HIS B 181 -12.28 -0.89 20.93
N PRO B 182 -12.63 -1.87 20.08
CA PRO B 182 -13.95 -1.89 19.42
C PRO B 182 -15.08 -1.79 20.42
N ASN B 183 -14.76 -2.14 21.66
CA ASN B 183 -15.68 -2.04 22.79
C ASN B 183 -15.14 -1.03 23.80
N ALA B 184 -15.71 0.17 23.77
CA ALA B 184 -15.11 1.33 24.41
C ALA B 184 -14.97 1.29 25.93
N GLU B 185 -15.72 0.44 26.62
CA GLU B 185 -15.67 0.44 28.09
C GLU B 185 -14.36 -0.14 28.61
N ASN B 186 -13.62 -0.80 27.72
CA ASN B 186 -12.27 -1.24 28.07
C ASN B 186 -11.25 -0.09 28.12
N ASN B 187 -11.56 1.03 27.47
CA ASN B 187 -10.63 2.17 27.44
C ASN B 187 -10.40 2.71 28.86
N GLY B 188 -9.14 2.90 29.24
CA GLY B 188 -8.81 3.35 30.58
C GLY B 188 -8.37 2.19 31.47
N GLU B 189 -8.81 0.98 31.13
CA GLU B 189 -8.40 -0.24 31.83
C GLU B 189 -7.13 -0.86 31.22
N LYS B 190 -6.35 -1.54 32.05
CA LYS B 190 -5.23 -2.34 31.54
C LYS B 190 -5.78 -3.45 30.67
N PHE B 191 -5.05 -3.80 29.62
CA PHE B 191 -5.60 -4.72 28.62
C PHE B 191 -5.64 -6.13 29.20
N SER B 192 -4.84 -6.35 30.24
CA SER B 192 -4.78 -7.65 30.91
C SER B 192 -6.10 -8.00 31.59
N GLN B 193 -6.99 -7.03 31.74
CA GLN B 193 -8.28 -7.30 32.34
C GLN B 193 -9.18 -8.04 31.37
N PHE B 194 -9.01 -7.83 30.07
CA PHE B 194 -9.81 -8.58 29.11
C PHE B 194 -8.96 -9.62 28.37
N LEU B 195 -7.65 -9.54 28.52
CA LEU B 195 -6.76 -10.47 27.82
C LEU B 195 -5.56 -10.83 28.71
N PRO B 196 -5.81 -11.65 29.75
CA PRO B 196 -4.77 -12.03 30.72
C PRO B 196 -3.71 -12.95 30.10
N ASN B 197 -2.57 -13.05 30.77
CA ASN B 197 -1.47 -13.91 30.37
C ASN B 197 -0.86 -13.58 29.03
N VAL B 198 -0.96 -12.33 28.65
CA VAL B 198 -0.34 -11.83 27.43
C VAL B 198 0.67 -10.75 27.78
N ASP B 199 1.93 -10.95 27.41
CA ASP B 199 2.93 -9.91 27.64
C ASP B 199 2.91 -8.79 26.58
N LEU B 200 3.16 -7.57 27.04
CA LEU B 200 3.30 -6.42 26.16
C LEU B 200 4.68 -6.42 25.50
N LYS B 201 4.79 -7.15 24.39
CA LYS B 201 6.03 -7.26 23.65
C LYS B 201 5.65 -7.67 22.24
N GLU B 202 6.52 -7.37 21.29
CA GLU B 202 6.28 -7.69 19.90
C GLU B 202 6.49 -9.17 19.68
N GLY B 203 5.73 -9.75 18.77
CA GLY B 203 5.84 -11.17 18.52
C GLY B 203 4.49 -11.84 18.66
N THR B 204 4.50 -13.15 18.48
CA THR B 204 3.29 -13.94 18.46
C THR B 204 3.15 -14.70 19.77
N GLN B 205 1.96 -14.64 20.36
CA GLN B 205 1.66 -15.33 21.60
C GLN B 205 0.40 -16.17 21.45
N ARG B 206 0.36 -17.33 22.10
CA ARG B 206 -0.85 -18.13 22.17
C ARG B 206 -1.24 -18.40 23.61
N ILE B 207 -2.46 -18.03 23.98
CA ILE B 207 -2.95 -18.26 25.34
C ILE B 207 -4.20 -19.11 25.38
N GLU B 208 -4.52 -19.58 26.57
CA GLU B 208 -5.81 -20.16 26.86
C GLU B 208 -6.56 -19.23 27.81
N LEU B 209 -7.86 -19.05 27.60
CA LEU B 209 -8.69 -18.25 28.51
C LEU B 209 -10.13 -18.78 28.53
N ASP B 210 -10.57 -19.26 29.69
CA ASP B 210 -11.93 -19.75 29.95
C ASP B 210 -12.43 -20.74 28.89
N GLY B 211 -11.63 -21.78 28.65
CA GLY B 211 -11.96 -22.79 27.66
C GLY B 211 -11.47 -22.53 26.25
N LYS B 212 -11.25 -21.26 25.90
CA LYS B 212 -10.93 -20.92 24.51
C LYS B 212 -9.44 -20.64 24.26
N TYR B 213 -9.07 -20.66 22.98
CA TYR B 213 -7.69 -20.43 22.57
C TYR B 213 -7.57 -19.20 21.71
N TYR B 214 -6.62 -18.34 22.06
CA TYR B 214 -6.47 -17.07 21.37
C TYR B 214 -5.06 -16.87 20.83
N LEU B 215 -4.96 -16.20 19.70
CA LEU B 215 -3.69 -15.85 19.10
C LEU B 215 -3.55 -14.32 19.20
N VAL B 216 -2.38 -13.83 19.59
CA VAL B 216 -2.17 -12.39 19.74
C VAL B 216 -0.82 -11.97 19.16
N LYS B 217 -0.84 -10.91 18.35
CA LYS B 217 0.40 -10.29 17.91
C LYS B 217 0.42 -8.81 18.31
N PHE B 218 1.52 -8.36 18.87
CA PHE B 218 1.71 -6.95 19.14
C PHE B 218 2.77 -6.35 18.23
N ALA B 219 2.61 -5.06 17.93
CA ALA B 219 3.62 -4.29 17.25
C ALA B 219 3.72 -2.92 17.91
N GLN B 220 4.90 -2.34 17.95
CA GLN B 220 5.02 -1.01 18.54
C GLN B 220 4.91 0.08 17.47
N VAL B 221 4.44 1.26 17.84
CA VAL B 221 4.66 2.44 17.00
C VAL B 221 5.64 3.33 17.76
N PRO B 222 6.92 3.23 17.41
CA PRO B 222 8.04 3.70 18.22
C PRO B 222 7.94 5.17 18.64
N SER B 223 7.44 6.03 17.77
CA SER B 223 7.45 7.47 18.06
C SER B 223 6.39 7.91 19.06
N GLU B 224 5.45 7.03 19.39
CA GLU B 224 4.47 7.28 20.45
C GLU B 224 4.64 6.28 21.58
N SER B 225 5.42 5.24 21.31
CA SER B 225 5.56 4.09 22.19
C SER B 225 4.21 3.42 22.49
N TRP B 226 3.23 3.58 21.60
CA TRP B 226 1.99 2.81 21.70
C TRP B 226 2.20 1.41 21.14
N TYR B 227 1.39 0.46 21.58
CA TYR B 227 1.40 -0.90 21.03
C TYR B 227 0.10 -1.19 20.30
N ILE B 228 0.18 -1.77 19.10
CA ILE B 228 -1.05 -2.23 18.45
C ILE B 228 -1.21 -3.72 18.67
N GLY B 229 -2.38 -4.13 19.16
CA GLY B 229 -2.67 -5.52 19.39
C GLY B 229 -3.70 -6.09 18.43
N ALA B 230 -3.43 -7.28 17.91
CA ALA B 230 -4.34 -8.01 17.03
C ALA B 230 -4.64 -9.39 17.62
N VAL B 231 -5.90 -9.66 17.97
CA VAL B 231 -6.24 -10.92 18.61
C VAL B 231 -7.35 -11.65 17.86
N VAL B 232 -7.22 -12.97 17.72
CA VAL B 232 -8.34 -13.79 17.22
C VAL B 232 -8.59 -15.01 18.08
N ASP B 233 -9.86 -15.40 18.16
CA ASP B 233 -10.26 -16.73 18.63
C ASP B 233 -9.72 -17.75 17.65
N GLU B 234 -8.80 -18.59 18.11
CA GLU B 234 -8.05 -19.36 17.15
C GLU B 234 -8.87 -20.53 16.61
N SER B 235 -9.86 -20.96 17.39
CA SER B 235 -10.75 -22.01 16.91
C SER B 235 -11.71 -21.50 15.83
N ILE B 236 -12.25 -20.30 16.01
CA ILE B 236 -13.06 -19.69 14.98
C ILE B 236 -12.21 -19.49 13.72
N ALA B 237 -11.04 -18.86 13.89
CA ALA B 237 -10.14 -18.59 12.75
C ALA B 237 -9.82 -19.84 11.97
N PHE B 238 -9.67 -20.96 12.69
CA PHE B 238 -9.36 -22.22 12.05
C PHE B 238 -10.51 -22.68 11.15
N ALA B 239 -11.74 -22.63 11.67
CA ALA B 239 -12.91 -23.07 10.92
C ALA B 239 -13.07 -22.27 9.64
N MET B 240 -12.73 -20.99 9.72
CA MET B 240 -12.89 -20.07 8.59
C MET B 240 -11.84 -20.28 7.50
N VAL B 241 -10.64 -20.69 7.87
CA VAL B 241 -9.54 -20.77 6.92
C VAL B 241 -9.44 -22.14 6.24
N ASP B 242 -9.67 -23.21 7.01
CA ASP B 242 -9.58 -24.57 6.45
C ASP B 242 -10.68 -24.80 5.43
N ASP B 243 -11.87 -24.24 5.71
CA ASP B 243 -12.99 -24.25 4.77
C ASP B 243 -12.50 -23.94 3.35
N LEU B 244 -12.11 -22.69 3.10
CA LEU B 244 -11.50 -22.33 1.83
C LEU B 244 -10.14 -23.01 1.67
N GLY C 4 -14.12 25.11 -7.27
CA GLY C 4 -13.16 25.72 -6.39
C GLY C 4 -12.13 24.73 -5.83
N SER C 5 -11.96 24.73 -4.51
CA SER C 5 -10.93 23.93 -3.85
C SER C 5 -11.45 22.73 -3.04
N VAL C 6 -12.66 22.88 -2.50
CA VAL C 6 -13.31 21.74 -1.85
C VAL C 6 -13.58 20.66 -2.91
N ARG C 7 -14.01 21.08 -4.09
CA ARG C 7 -14.32 20.14 -5.18
C ARG C 7 -13.07 19.43 -5.68
N GLU C 8 -11.94 20.13 -5.71
CA GLU C 8 -10.69 19.52 -6.10
C GLU C 8 -10.37 18.41 -5.14
N GLU C 9 -10.70 18.65 -3.86
CA GLU C 9 -10.44 17.66 -2.83
C GLU C 9 -11.38 16.46 -2.95
N ILE C 10 -12.62 16.69 -3.33
CA ILE C 10 -13.54 15.57 -3.56
C ILE C 10 -12.98 14.62 -4.63
N GLU C 11 -12.47 15.20 -5.71
CA GLU C 11 -11.84 14.44 -6.78
C GLU C 11 -10.65 13.61 -6.29
N SER C 12 -9.78 14.23 -5.50
CA SER C 12 -8.59 13.57 -4.97
C SER C 12 -8.95 12.40 -4.08
N LEU C 13 -10.00 12.59 -3.29
CA LEU C 13 -10.49 11.50 -2.45
C LEU C 13 -11.14 10.34 -3.24
N VAL C 14 -11.92 10.68 -4.27
CA VAL C 14 -12.50 9.67 -5.16
C VAL C 14 -11.39 8.89 -5.91
N GLN C 15 -10.39 9.63 -6.35
CA GLN C 15 -9.25 9.01 -7.02
C GLN C 15 -8.52 8.04 -6.11
N ASP C 16 -8.33 8.38 -4.84
CA ASP C 16 -7.67 7.51 -3.87
C ASP C 16 -8.44 6.18 -3.72
N SER C 17 -9.75 6.26 -3.52
CA SER C 17 -10.56 5.06 -3.41
C SER C 17 -10.49 4.24 -4.70
N LEU C 18 -10.50 4.94 -5.82
CA LEU C 18 -10.52 4.28 -7.10
C LEU C 18 -9.21 3.48 -7.31
N MET C 19 -8.08 4.08 -6.95
CA MET C 19 -6.78 3.42 -7.09
C MET C 19 -6.72 2.20 -6.17
N GLU C 20 -7.31 2.34 -4.99
CA GLU C 20 -7.34 1.24 -4.04
C GLU C 20 -8.15 0.07 -4.64
N MET C 21 -9.22 0.39 -5.38
CA MET C 21 -10.05 -0.65 -5.97
C MET C 21 -9.33 -1.35 -7.11
N VAL C 22 -8.60 -0.59 -7.91
CA VAL C 22 -7.83 -1.15 -8.99
C VAL C 22 -6.80 -2.14 -8.41
N LYS C 23 -6.10 -1.73 -7.36
CA LYS C 23 -5.13 -2.62 -6.71
C LYS C 23 -5.86 -3.85 -6.13
N GLY C 24 -7.05 -3.61 -5.58
CA GLY C 24 -7.92 -4.68 -5.14
C GLY C 24 -8.16 -5.72 -6.23
N VAL C 25 -8.67 -5.27 -7.38
CA VAL C 25 -8.95 -6.20 -8.46
C VAL C 25 -7.71 -6.94 -8.97
N LYS C 26 -6.59 -6.26 -9.09
CA LYS C 26 -5.39 -6.94 -9.56
C LYS C 26 -4.88 -8.00 -8.59
N ASN C 27 -5.03 -7.78 -7.28
CA ASN C 27 -4.39 -8.64 -6.31
C ASN C 27 -5.32 -9.75 -5.81
N THR C 28 -6.56 -9.73 -6.26
CA THR C 28 -7.45 -10.86 -5.97
C THR C 28 -7.81 -11.61 -7.25
N ILE C 29 -8.85 -11.14 -7.94
CA ILE C 29 -9.37 -11.81 -9.12
C ILE C 29 -8.29 -11.96 -10.23
N GLU C 30 -7.35 -11.01 -10.33
CA GLU C 30 -6.37 -11.08 -11.42
C GLU C 30 -5.17 -12.00 -11.13
N SER C 31 -4.73 -12.10 -9.88
CA SER C 31 -3.60 -12.98 -9.61
C SER C 31 -4.11 -14.41 -9.52
N ASP C 32 -5.36 -14.58 -9.13
CA ASP C 32 -6.01 -15.90 -9.18
C ASP C 32 -6.13 -16.45 -10.61
N LEU C 33 -6.61 -15.62 -11.55
CA LEU C 33 -6.62 -15.97 -12.97
C LEU C 33 -5.25 -16.41 -13.46
N ALA C 34 -4.23 -15.66 -13.04
CA ALA C 34 -2.86 -15.95 -13.44
C ALA C 34 -2.51 -17.38 -13.06
N SER C 35 -2.78 -17.78 -11.82
CA SER C 35 -2.45 -19.14 -11.42
C SER C 35 -3.37 -20.15 -12.11
N LYS C 36 -4.64 -19.80 -12.31
CA LYS C 36 -5.57 -20.70 -13.00
C LYS C 36 -5.19 -20.93 -14.47
N LYS C 37 -4.60 -19.91 -15.09
CA LYS C 37 -4.08 -20.07 -16.45
C LYS C 37 -2.94 -21.09 -16.54
N GLY C 38 -2.06 -21.14 -15.55
CA GLY C 38 -1.01 -22.15 -15.51
C GLY C 38 -1.60 -23.56 -15.42
N LEU C 39 -2.63 -23.69 -14.60
CA LEU C 39 -3.30 -24.95 -14.39
C LEU C 39 -4.05 -25.43 -15.64
N ALA C 40 -4.82 -24.52 -16.24
CA ALA C 40 -5.52 -24.83 -17.48
C ALA C 40 -4.56 -25.13 -18.65
N GLN C 41 -3.48 -24.36 -18.79
CA GLN C 41 -2.57 -24.58 -19.91
C GLN C 41 -1.89 -25.95 -19.77
N SER C 42 -1.52 -26.29 -18.54
CA SER C 42 -0.86 -27.57 -18.28
C SER C 42 -1.83 -28.73 -18.38
N THR C 43 -3.08 -28.52 -17.98
CA THR C 43 -4.06 -29.58 -18.14
C THR C 43 -4.33 -29.87 -19.61
N THR C 44 -4.45 -28.81 -20.40
CA THR C 44 -4.61 -28.93 -21.83
C THR C 44 -3.46 -29.68 -22.50
N GLU C 45 -2.21 -29.31 -22.20
CA GLU C 45 -1.07 -30.01 -22.78
C GLU C 45 -1.01 -31.49 -22.37
N ILE C 46 -1.40 -31.80 -21.15
CA ILE C 46 -1.41 -33.19 -20.74
C ILE C 46 -2.50 -33.97 -21.49
N LEU C 47 -3.64 -33.35 -21.74
CA LEU C 47 -4.68 -34.01 -22.50
C LEU C 47 -4.27 -34.24 -23.96
N GLN C 48 -3.37 -33.44 -24.53
CA GLN C 48 -3.02 -33.67 -25.94
C GLN C 48 -2.09 -34.88 -26.10
N LEU C 49 -1.75 -35.54 -25.00
CA LEU C 49 -1.05 -36.83 -25.08
C LEU C 49 -1.93 -37.94 -25.68
N ASP C 50 -3.26 -37.80 -25.51
CA ASP C 50 -4.22 -38.73 -26.09
C ASP C 50 -5.59 -38.09 -26.26
N PRO C 51 -5.67 -36.97 -26.99
CA PRO C 51 -6.81 -36.05 -26.87
C PRO C 51 -8.19 -36.58 -27.28
N THR C 52 -8.25 -37.73 -27.96
CA THR C 52 -9.54 -38.29 -28.38
C THR C 52 -10.01 -39.39 -27.44
N ASN C 53 -9.24 -39.65 -26.39
CA ASN C 53 -9.57 -40.65 -25.39
C ASN C 53 -10.48 -40.07 -24.30
N LYS C 54 -11.79 -40.21 -24.48
CA LYS C 54 -12.77 -39.65 -23.57
C LYS C 54 -12.64 -40.16 -22.12
N ALA C 55 -12.22 -41.41 -21.95
CA ALA C 55 -12.08 -41.99 -20.62
C ALA C 55 -10.86 -41.40 -19.89
N PHE C 56 -9.76 -41.24 -20.62
CA PHE C 56 -8.60 -40.50 -20.12
C PHE C 56 -9.01 -39.09 -19.69
N ALA C 57 -9.63 -38.37 -20.61
CA ALA C 57 -10.10 -36.99 -20.38
C ALA C 57 -11.05 -36.88 -19.18
N LYS C 58 -11.93 -37.85 -19.03
CA LYS C 58 -12.83 -37.89 -17.88
C LYS C 58 -12.05 -37.98 -16.58
N SER C 59 -11.04 -38.86 -16.55
CA SER C 59 -10.28 -39.13 -15.33
C SER C 59 -9.51 -37.92 -14.84
N VAL C 60 -8.93 -37.21 -15.80
CA VAL C 60 -8.17 -36.00 -15.51
C VAL C 60 -9.11 -34.94 -14.95
N LEU C 61 -10.24 -34.74 -15.62
CA LEU C 61 -11.13 -33.65 -15.24
C LEU C 61 -11.87 -33.93 -13.95
N GLU C 62 -11.77 -35.17 -13.44
CA GLU C 62 -12.43 -35.53 -12.17
C GLU C 62 -11.42 -35.60 -11.02
N SER C 63 -10.12 -35.48 -11.35
CA SER C 63 -9.08 -35.43 -10.32
C SER C 63 -9.34 -34.25 -9.37
N PRO C 64 -9.29 -34.54 -8.07
CA PRO C 64 -9.78 -33.71 -6.96
C PRO C 64 -9.36 -32.23 -6.96
N ASN C 65 -8.06 -31.98 -6.96
CA ASN C 65 -7.56 -30.61 -6.93
C ASN C 65 -8.00 -29.77 -8.12
N LEU C 66 -7.99 -30.37 -9.30
CA LEU C 66 -8.37 -29.72 -10.53
C LEU C 66 -9.84 -29.43 -10.49
N LYS C 67 -10.61 -30.40 -10.01
CA LYS C 67 -12.05 -30.24 -9.94
C LYS C 67 -12.45 -29.21 -8.88
N GLY C 68 -11.56 -28.96 -7.92
CA GLY C 68 -11.86 -27.98 -6.90
C GLY C 68 -11.35 -26.57 -7.20
N SER C 69 -10.72 -26.37 -8.35
CA SER C 69 -10.12 -25.05 -8.63
C SER C 69 -10.96 -24.27 -9.61
N PHE C 70 -11.91 -24.94 -10.23
CA PHE C 70 -12.82 -24.27 -11.16
C PHE C 70 -14.27 -24.59 -10.82
N LEU C 71 -15.13 -23.67 -11.19
CA LEU C 71 -16.57 -23.87 -11.17
C LEU C 71 -16.93 -25.16 -11.92
N ALA C 72 -16.30 -25.34 -13.08
CA ALA C 72 -16.56 -26.50 -13.92
C ALA C 72 -15.53 -26.50 -15.06
N ILE C 73 -15.17 -27.68 -15.52
CA ILE C 73 -14.24 -27.87 -16.63
C ILE C 73 -14.87 -28.81 -17.67
N GLY C 74 -14.60 -28.57 -18.95
CA GLY C 74 -15.06 -29.48 -19.98
C GLY C 74 -14.24 -29.49 -21.25
N LEU C 75 -14.52 -30.46 -22.11
CA LEU C 75 -13.87 -30.54 -23.41
C LEU C 75 -14.91 -30.88 -24.49
N GLY C 76 -15.10 -29.96 -25.43
CA GLY C 76 -16.02 -30.15 -26.54
C GLY C 76 -15.30 -30.66 -27.78
N TYR C 77 -15.91 -31.60 -28.49
CA TYR C 77 -15.26 -32.19 -29.66
C TYR C 77 -15.75 -31.62 -30.99
N GLU C 78 -14.81 -31.32 -31.89
CA GLU C 78 -15.13 -30.79 -33.22
C GLU C 78 -16.03 -31.72 -34.02
N SER C 79 -15.68 -33.00 -34.05
CA SER C 79 -16.34 -33.96 -34.93
C SER C 79 -17.81 -34.16 -34.57
N ASP C 80 -18.09 -34.51 -33.32
CA ASP C 80 -19.44 -34.90 -32.93
C ASP C 80 -20.13 -33.88 -32.03
N ALA C 81 -19.38 -32.88 -31.57
CA ALA C 81 -19.89 -31.85 -30.66
C ALA C 81 -20.39 -32.47 -29.35
N THR C 82 -19.73 -33.55 -28.92
CA THR C 82 -20.01 -34.13 -27.60
C THR C 82 -19.18 -33.43 -26.52
N VAL C 83 -19.55 -33.65 -25.26
CA VAL C 83 -18.85 -33.02 -24.15
C VAL C 83 -18.48 -33.98 -23.04
N VAL C 84 -17.18 -34.02 -22.75
CA VAL C 84 -16.66 -34.55 -21.51
C VAL C 84 -16.56 -33.42 -20.50
N GLU C 85 -17.30 -33.55 -19.40
CA GLU C 85 -17.60 -32.45 -18.51
C GLU C 85 -17.57 -32.93 -17.05
N ASN C 86 -17.12 -32.09 -16.12
CA ASN C 86 -17.05 -32.53 -14.72
C ASN C 86 -18.07 -31.88 -13.80
N ASP C 87 -19.11 -31.27 -14.36
CA ASP C 87 -20.12 -30.57 -13.56
C ASP C 87 -21.15 -31.57 -13.08
N ASP C 88 -20.97 -32.02 -11.84
CA ASP C 88 -21.87 -32.97 -11.21
C ASP C 88 -23.36 -32.63 -11.38
N GLY C 89 -23.67 -31.33 -11.45
CA GLY C 89 -25.04 -30.88 -11.58
C GLY C 89 -25.48 -30.51 -12.98
N TRP C 90 -24.71 -30.88 -14.01
CA TRP C 90 -25.06 -30.53 -15.38
C TRP C 90 -24.62 -31.57 -16.43
N GLU C 91 -25.56 -31.94 -17.30
CA GLU C 91 -25.24 -32.67 -18.53
C GLU C 91 -25.95 -31.88 -19.65
N PRO C 92 -25.32 -31.75 -20.82
CA PRO C 92 -25.87 -30.90 -21.88
C PRO C 92 -27.21 -31.36 -22.48
N ASN C 93 -28.17 -30.44 -22.59
CA ASN C 93 -29.37 -30.67 -23.39
C ASN C 93 -29.03 -31.00 -24.82
N ALA C 94 -30.04 -31.46 -25.57
CA ALA C 94 -29.86 -31.74 -26.99
C ALA C 94 -29.74 -30.44 -27.80
N ASP C 95 -30.21 -29.33 -27.22
CA ASP C 95 -30.01 -27.99 -27.78
C ASP C 95 -28.54 -27.52 -27.76
N TYR C 96 -27.77 -28.02 -26.79
CA TYR C 96 -26.38 -27.61 -26.61
C TYR C 96 -25.44 -28.07 -27.72
N ASP C 97 -24.79 -27.11 -28.37
CA ASP C 97 -23.67 -27.39 -29.26
C ASP C 97 -22.46 -26.63 -28.71
N PRO C 98 -21.41 -27.38 -28.32
CA PRO C 98 -20.26 -26.79 -27.62
C PRO C 98 -19.52 -25.78 -28.48
N ARG C 99 -19.53 -26.01 -29.79
CA ARG C 99 -18.75 -25.23 -30.76
C ARG C 99 -19.33 -23.85 -31.06
N LYS C 100 -20.54 -23.58 -30.57
CA LYS C 100 -21.14 -22.27 -30.75
C LYS C 100 -20.97 -21.37 -29.50
N ARG C 101 -20.38 -21.92 -28.44
CA ARG C 101 -20.15 -21.19 -27.19
C ARG C 101 -18.94 -20.25 -27.30
N PRO C 102 -18.94 -19.16 -26.51
CA PRO C 102 -17.88 -18.13 -26.61
C PRO C 102 -16.47 -18.60 -26.24
N TRP C 103 -16.34 -19.47 -25.25
CA TRP C 103 -15.04 -20.01 -24.89
C TRP C 103 -14.41 -20.79 -26.05
N TYR C 104 -15.24 -21.55 -26.78
CA TYR C 104 -14.82 -22.35 -27.93
C TYR C 104 -14.41 -21.49 -29.13
N VAL C 105 -15.32 -20.57 -29.50
CA VAL C 105 -15.14 -19.68 -30.64
C VAL C 105 -13.89 -18.83 -30.49
N ASP C 106 -13.68 -18.30 -29.28
CA ASP C 106 -12.53 -17.47 -28.96
C ASP C 106 -11.21 -18.26 -29.03
N ALA C 107 -11.23 -19.51 -28.57
CA ALA C 107 -10.02 -20.31 -28.53
C ALA C 107 -9.66 -20.82 -29.92
N LYS C 108 -10.69 -21.14 -30.70
CA LYS C 108 -10.48 -21.62 -32.06
C LYS C 108 -9.93 -20.49 -32.93
N ARG C 109 -10.50 -19.29 -32.79
CA ARG C 109 -9.98 -18.11 -33.47
C ARG C 109 -8.50 -17.84 -33.14
N GLU C 110 -8.19 -17.75 -31.86
CA GLU C 110 -6.88 -17.32 -31.37
C GLU C 110 -5.81 -18.39 -31.41
N ARG C 111 -6.22 -19.65 -31.53
CA ARG C 111 -5.29 -20.77 -31.57
C ARG C 111 -4.38 -20.81 -30.35
N LYS C 112 -4.86 -20.30 -29.22
CA LYS C 112 -4.12 -20.31 -27.96
C LYS C 112 -5.06 -20.07 -26.78
N LEU C 113 -4.51 -20.22 -25.57
CA LEU C 113 -5.27 -19.98 -24.35
C LEU C 113 -5.89 -18.58 -24.37
N VAL C 114 -7.18 -18.49 -24.04
CA VAL C 114 -7.84 -17.19 -23.97
C VAL C 114 -8.64 -17.07 -22.70
N VAL C 115 -8.98 -15.84 -22.34
CA VAL C 115 -9.98 -15.54 -21.33
C VAL C 115 -11.11 -14.83 -22.05
N THR C 116 -12.34 -15.27 -21.87
CA THR C 116 -13.46 -14.61 -22.51
C THR C 116 -13.89 -13.33 -21.79
N GLU C 117 -14.74 -12.56 -22.46
CA GLU C 117 -15.49 -11.48 -21.84
C GLU C 117 -16.54 -12.15 -20.94
N PRO C 118 -17.05 -11.42 -19.93
CA PRO C 118 -18.11 -11.99 -19.11
C PRO C 118 -19.33 -12.43 -19.91
N TYR C 119 -19.91 -13.56 -19.55
CA TYR C 119 -21.14 -14.05 -20.20
C TYR C 119 -21.99 -14.85 -19.21
N VAL C 120 -23.24 -15.09 -19.59
CA VAL C 120 -24.17 -15.86 -18.77
C VAL C 120 -23.98 -17.35 -19.01
N ASP C 121 -23.66 -18.07 -17.94
CA ASP C 121 -23.39 -19.50 -18.02
C ASP C 121 -24.67 -20.35 -18.18
N ILE C 122 -24.70 -21.20 -19.20
CA ILE C 122 -25.80 -22.16 -19.43
C ILE C 122 -26.23 -22.94 -18.16
N SER C 123 -25.24 -23.44 -17.42
CA SER C 123 -25.46 -24.35 -16.28
C SER C 123 -26.01 -23.67 -15.02
N THR C 124 -25.44 -22.52 -14.66
CA THR C 124 -25.77 -21.85 -13.42
C THR C 124 -26.61 -20.58 -13.61
N LYS C 125 -26.63 -20.09 -14.85
CA LYS C 125 -27.28 -18.82 -15.21
C LYS C 125 -26.64 -17.58 -14.59
N LYS C 126 -25.52 -17.74 -13.89
CA LYS C 126 -24.80 -16.60 -13.35
C LYS C 126 -23.84 -16.02 -14.39
N ILE C 127 -23.34 -14.81 -14.14
CA ILE C 127 -22.34 -14.22 -15.02
C ILE C 127 -20.94 -14.57 -14.54
N ILE C 128 -20.20 -15.21 -15.45
CA ILE C 128 -18.90 -15.79 -15.17
C ILE C 128 -17.92 -15.40 -16.27
N ILE C 129 -16.69 -15.89 -16.15
CA ILE C 129 -15.75 -15.87 -17.28
C ILE C 129 -15.15 -17.25 -17.41
N SER C 130 -14.60 -17.54 -18.59
CA SER C 130 -13.99 -18.83 -18.83
C SER C 130 -12.62 -18.68 -19.47
N ILE C 131 -11.69 -19.54 -19.06
CA ILE C 131 -10.46 -19.73 -19.78
C ILE C 131 -10.73 -20.72 -20.92
N GLY C 132 -10.35 -20.35 -22.14
CA GLY C 132 -10.55 -21.23 -23.27
C GLY C 132 -9.22 -21.70 -23.82
N THR C 133 -9.13 -22.97 -24.15
CA THR C 133 -7.90 -23.51 -24.75
C THR C 133 -8.22 -24.38 -25.95
N PRO C 134 -7.40 -24.29 -26.99
CA PRO C 134 -7.61 -25.23 -28.11
C PRO C 134 -6.90 -26.55 -27.87
N VAL C 135 -7.45 -27.61 -28.42
CA VAL C 135 -6.86 -28.94 -28.33
C VAL C 135 -6.41 -29.42 -29.71
N TYR C 136 -5.15 -29.82 -29.82
CA TYR C 136 -4.64 -30.28 -31.11
C TYR C 136 -4.21 -31.74 -31.06
N GLN C 137 -4.25 -32.38 -32.22
CA GLN C 137 -3.81 -33.76 -32.39
C GLN C 137 -2.90 -33.85 -33.60
N GLN C 138 -1.59 -33.88 -33.35
CA GLN C 138 -0.61 -33.84 -34.43
C GLN C 138 -0.97 -32.66 -35.35
N SER C 139 -1.07 -31.48 -34.74
CA SER C 139 -1.37 -30.23 -35.45
C SER C 139 -2.76 -30.18 -36.07
N ASN C 140 -3.61 -31.15 -35.75
CA ASN C 140 -4.98 -31.16 -36.23
C ASN C 140 -5.95 -30.76 -35.10
N PHE C 141 -6.70 -29.67 -35.31
CA PHE C 141 -7.60 -29.12 -34.29
C PHE C 141 -8.80 -30.04 -34.03
N VAL C 142 -8.97 -30.44 -32.77
CA VAL C 142 -9.91 -31.51 -32.40
C VAL C 142 -11.06 -30.97 -31.53
N GLY C 143 -10.82 -29.82 -30.91
CA GLY C 143 -11.83 -29.17 -30.11
C GLY C 143 -11.23 -28.14 -29.18
N ALA C 144 -12.02 -27.74 -28.19
CA ALA C 144 -11.61 -26.74 -27.21
C ALA C 144 -12.08 -27.09 -25.80
N MET C 145 -11.59 -26.35 -24.82
CA MET C 145 -11.96 -26.61 -23.44
C MET C 145 -12.43 -25.36 -22.77
N PHE C 146 -13.30 -25.51 -21.76
CA PHE C 146 -13.66 -24.39 -20.91
C PHE C 146 -13.24 -24.67 -19.45
N TYR C 147 -12.75 -23.64 -18.78
CA TYR C 147 -12.42 -23.65 -17.35
C TYR C 147 -13.15 -22.53 -16.68
N ASP C 148 -14.31 -22.79 -16.08
CA ASP C 148 -15.17 -21.68 -15.67
C ASP C 148 -14.71 -21.05 -14.37
N VAL C 149 -14.83 -19.73 -14.33
CA VAL C 149 -14.35 -18.94 -13.23
C VAL C 149 -15.48 -18.04 -12.78
N GLU C 150 -15.79 -18.06 -11.48
CA GLU C 150 -16.82 -17.18 -10.94
C GLU C 150 -16.27 -15.77 -10.66
N LEU C 151 -17.18 -14.82 -10.53
CA LEU C 151 -16.78 -13.43 -10.40
C LEU C 151 -17.16 -12.91 -9.02
N THR C 152 -17.27 -13.83 -8.06
CA THR C 152 -17.80 -13.49 -6.73
C THR C 152 -16.99 -12.43 -5.99
N GLN C 153 -15.67 -12.48 -6.13
CA GLN C 153 -14.78 -11.53 -5.45
C GLN C 153 -15.09 -10.08 -5.81
N LEU C 154 -15.66 -9.89 -6.99
CA LEU C 154 -16.01 -8.55 -7.47
C LEU C 154 -17.19 -8.00 -6.71
N ALA C 155 -18.16 -8.85 -6.44
CA ALA C 155 -19.28 -8.47 -5.58
C ALA C 155 -18.78 -8.14 -4.16
N GLN C 156 -17.82 -8.92 -3.68
CA GLN C 156 -17.25 -8.66 -2.36
C GLN C 156 -16.58 -7.29 -2.28
N LEU C 157 -15.65 -7.03 -3.20
CA LEU C 157 -14.93 -5.75 -3.26
C LEU C 157 -15.88 -4.57 -3.27
N VAL C 158 -16.84 -4.64 -4.18
CA VAL C 158 -17.78 -3.58 -4.48
C VAL C 158 -18.75 -3.38 -3.32
N ASN C 159 -18.98 -4.44 -2.55
CA ASN C 159 -19.86 -4.34 -1.40
C ASN C 159 -19.16 -3.87 -0.12
N SER C 160 -17.84 -3.83 -0.15
CA SER C 160 -17.09 -3.51 1.07
C SER C 160 -16.67 -2.05 1.14
N VAL C 161 -17.12 -1.26 0.17
CA VAL C 161 -16.62 0.09 0.03
C VAL C 161 -17.77 1.06 -0.02
N ASN C 162 -17.52 2.26 0.43
CA ASN C 162 -18.57 3.25 0.51
C ASN C 162 -17.91 4.62 0.44
N LEU C 163 -18.09 5.31 -0.68
CA LEU C 163 -17.56 6.66 -0.84
C LEU C 163 -18.19 7.62 0.16
N PHE C 164 -17.82 7.45 1.43
CA PHE C 164 -18.41 8.12 2.60
C PHE C 164 -19.90 8.48 2.51
N ASP C 165 -20.76 7.47 2.36
CA ASP C 165 -22.21 7.66 2.30
C ASP C 165 -22.54 8.80 1.35
N ALA C 166 -21.90 8.77 0.19
CA ALA C 166 -22.09 9.77 -0.86
C ALA C 166 -22.07 9.10 -2.24
N GLY C 167 -21.65 7.84 -2.25
CA GLY C 167 -21.63 7.08 -3.48
C GLY C 167 -20.92 5.76 -3.29
N TYR C 168 -20.58 5.16 -4.42
CA TYR C 168 -20.07 3.80 -4.43
C TYR C 168 -19.20 3.53 -5.65
N LEU C 169 -18.69 2.30 -5.74
CA LEU C 169 -17.93 1.87 -6.89
C LEU C 169 -18.67 0.77 -7.61
N PHE C 170 -18.31 0.55 -8.88
CA PHE C 170 -18.91 -0.51 -9.67
C PHE C 170 -17.98 -0.94 -10.79
N ILE C 171 -18.23 -2.09 -11.38
CA ILE C 171 -17.36 -2.56 -12.44
C ILE C 171 -18.16 -2.87 -13.71
N THR C 172 -17.57 -2.57 -14.88
CA THR C 172 -18.15 -2.92 -16.18
C THR C 172 -17.11 -3.54 -17.10
N THR C 173 -17.59 -4.27 -18.10
CA THR C 173 -16.77 -4.70 -19.22
C THR C 173 -16.30 -3.51 -20.08
N LYS C 174 -15.44 -3.80 -21.06
CA LYS C 174 -14.98 -2.79 -22.03
C LYS C 174 -16.13 -2.26 -22.85
N ASP C 175 -17.22 -3.03 -22.89
CA ASP C 175 -18.44 -2.60 -23.56
C ASP C 175 -19.48 -1.89 -22.66
N GLY C 176 -19.19 -1.72 -21.37
CA GLY C 176 -20.11 -1.00 -20.50
C GLY C 176 -21.22 -1.85 -19.90
N VAL C 177 -21.10 -3.17 -20.04
CA VAL C 177 -22.02 -4.06 -19.34
C VAL C 177 -21.58 -4.24 -17.89
N THR C 178 -22.44 -3.83 -16.97
CA THR C 178 -22.17 -3.87 -15.53
C THR C 178 -21.96 -5.33 -15.03
N ILE C 179 -20.90 -5.57 -14.26
CA ILE C 179 -20.64 -6.91 -13.72
C ILE C 179 -20.46 -6.91 -12.19
N ALA C 180 -20.38 -5.73 -11.59
CA ALA C 180 -20.40 -5.64 -10.14
C ALA C 180 -20.96 -4.30 -9.73
N HIS C 181 -21.96 -4.35 -8.85
CA HIS C 181 -22.67 -3.17 -8.44
C HIS C 181 -23.35 -3.50 -7.12
N PRO C 182 -23.16 -2.64 -6.10
CA PRO C 182 -23.73 -2.86 -4.76
C PRO C 182 -25.19 -3.29 -4.78
N ASN C 183 -25.96 -2.69 -5.70
CA ASN C 183 -27.32 -3.14 -6.06
C ASN C 183 -27.24 -4.10 -7.24
N ALA C 184 -27.31 -5.40 -6.97
CA ALA C 184 -26.98 -6.44 -7.95
C ALA C 184 -27.95 -6.59 -9.12
N GLU C 185 -29.11 -5.97 -9.03
CA GLU C 185 -30.07 -6.03 -10.15
C GLU C 185 -29.54 -5.27 -11.38
N ASN C 186 -28.59 -4.37 -11.17
CA ASN C 186 -27.93 -3.63 -12.25
C ASN C 186 -26.97 -4.48 -13.11
N ASN C 187 -26.66 -5.69 -12.67
CA ASN C 187 -25.69 -6.51 -13.36
C ASN C 187 -26.30 -7.12 -14.63
N GLY C 188 -25.50 -7.16 -15.70
CA GLY C 188 -25.96 -7.67 -16.99
C GLY C 188 -26.59 -6.56 -17.82
N GLU C 189 -26.87 -5.45 -17.16
CA GLU C 189 -27.38 -4.26 -17.82
C GLU C 189 -26.24 -3.27 -18.10
N LYS C 190 -26.34 -2.55 -19.21
CA LYS C 190 -25.45 -1.44 -19.51
C LYS C 190 -25.52 -0.46 -18.35
N PHE C 191 -24.38 0.15 -18.02
CA PHE C 191 -24.32 1.10 -16.90
C PHE C 191 -25.07 2.39 -17.20
N SER C 192 -25.44 2.61 -18.47
CA SER C 192 -26.29 3.75 -18.84
C SER C 192 -27.61 3.70 -18.13
N GLN C 193 -28.05 2.50 -17.73
CA GLN C 193 -29.35 2.38 -17.10
C GLN C 193 -29.43 3.15 -15.80
N PHE C 194 -28.35 3.14 -15.00
CA PHE C 194 -28.37 3.92 -13.76
C PHE C 194 -27.55 5.22 -13.87
N LEU C 195 -26.67 5.30 -14.88
CA LEU C 195 -25.84 6.50 -15.02
C LEU C 195 -25.75 6.94 -16.50
N PRO C 196 -26.87 7.46 -17.04
CA PRO C 196 -26.94 7.82 -18.46
C PRO C 196 -26.12 9.06 -18.83
N ASN C 197 -25.74 9.12 -20.10
CA ASN C 197 -25.03 10.28 -20.67
C ASN C 197 -23.64 10.46 -20.10
N VAL C 198 -23.12 9.38 -19.56
CA VAL C 198 -21.75 9.34 -19.10
C VAL C 198 -20.91 8.52 -20.07
N ASP C 199 -19.79 9.09 -20.45
CA ASP C 199 -18.90 8.43 -21.38
C ASP C 199 -18.09 7.33 -20.65
N LEU C 200 -17.84 6.21 -21.30
CA LEU C 200 -16.98 5.20 -20.72
C LEU C 200 -15.53 5.49 -21.12
N LYS C 201 -14.79 6.15 -20.22
CA LYS C 201 -13.42 6.54 -20.51
C LYS C 201 -12.67 6.89 -19.22
N GLU C 202 -11.37 6.65 -19.16
CA GLU C 202 -10.56 7.09 -18.02
C GLU C 202 -10.72 8.61 -17.85
N GLY C 203 -10.66 9.08 -16.62
CA GLY C 203 -10.79 10.51 -16.36
C GLY C 203 -12.00 10.82 -15.50
N THR C 204 -12.33 12.11 -15.41
CA THR C 204 -13.34 12.56 -14.47
C THR C 204 -14.45 13.32 -15.18
N GLN C 205 -15.70 12.94 -14.93
CA GLN C 205 -16.84 13.64 -15.51
C GLN C 205 -17.82 14.14 -14.45
N ARG C 206 -18.42 15.31 -14.70
CA ARG C 206 -19.51 15.80 -13.87
C ARG C 206 -20.79 15.90 -14.69
N ILE C 207 -21.87 15.29 -14.21
CA ILE C 207 -23.17 15.47 -14.83
C ILE C 207 -24.28 15.71 -13.83
N GLU C 208 -25.43 16.10 -14.37
CA GLU C 208 -26.59 16.45 -13.58
C GLU C 208 -27.72 15.54 -13.97
N LEU C 209 -28.36 14.93 -12.98
CA LEU C 209 -29.44 14.00 -13.24
C LEU C 209 -30.61 14.24 -12.29
N ASP C 210 -31.71 14.72 -12.87
CA ASP C 210 -32.92 15.01 -12.10
C ASP C 210 -32.62 15.89 -10.91
N GLY C 211 -32.01 17.04 -11.18
CA GLY C 211 -31.73 18.02 -10.14
C GLY C 211 -30.50 17.73 -9.29
N LYS C 212 -30.00 16.50 -9.36
CA LYS C 212 -28.82 16.10 -8.60
C LYS C 212 -27.52 16.25 -9.41
N TYR C 213 -26.43 16.56 -8.72
CA TYR C 213 -25.13 16.72 -9.34
C TYR C 213 -24.18 15.59 -8.95
N TYR C 214 -23.76 14.80 -9.94
CA TYR C 214 -22.92 13.63 -9.68
C TYR C 214 -21.51 13.77 -10.23
N LEU C 215 -20.55 13.20 -9.52
CA LEU C 215 -19.17 13.16 -9.97
C LEU C 215 -18.76 11.73 -10.24
N VAL C 216 -18.31 11.47 -11.46
CA VAL C 216 -17.93 10.12 -11.87
C VAL C 216 -16.48 10.06 -12.30
N LYS C 217 -15.80 8.99 -11.91
CA LYS C 217 -14.44 8.78 -12.33
C LYS C 217 -14.24 7.30 -12.73
N PHE C 218 -13.55 7.06 -13.84
CA PHE C 218 -13.26 5.70 -14.31
C PHE C 218 -11.77 5.38 -14.34
N ALA C 219 -11.42 4.13 -14.02
CA ALA C 219 -10.09 3.60 -14.33
C ALA C 219 -10.25 2.22 -14.97
N GLN C 220 -9.32 1.87 -15.85
CA GLN C 220 -9.35 0.59 -16.54
C GLN C 220 -8.41 -0.41 -15.90
N VAL C 221 -8.81 -1.68 -15.91
CA VAL C 221 -7.92 -2.76 -15.51
C VAL C 221 -7.39 -3.42 -16.78
N PRO C 222 -6.23 -2.96 -17.26
CA PRO C 222 -5.73 -3.29 -18.60
C PRO C 222 -5.77 -4.77 -19.02
N SER C 223 -5.39 -5.70 -18.15
CA SER C 223 -5.31 -7.10 -18.57
C SER C 223 -6.67 -7.76 -18.84
N GLU C 224 -7.75 -7.16 -18.34
CA GLU C 224 -9.09 -7.66 -18.61
C GLU C 224 -9.94 -6.66 -19.39
N SER C 225 -9.46 -5.41 -19.44
CA SER C 225 -10.19 -4.31 -20.01
C SER C 225 -11.53 -4.13 -19.31
N TRP C 226 -11.55 -4.31 -18.00
CA TRP C 226 -12.73 -3.91 -17.24
C TRP C 226 -12.50 -2.46 -16.85
N TYR C 227 -13.58 -1.74 -16.60
CA TYR C 227 -13.51 -0.38 -16.04
C TYR C 227 -14.04 -0.37 -14.62
N ILE C 228 -13.28 0.21 -13.68
CA ILE C 228 -13.83 0.50 -12.37
C ILE C 228 -14.40 1.91 -12.40
N GLY C 229 -15.65 2.06 -12.01
CA GLY C 229 -16.24 3.37 -11.88
C GLY C 229 -16.46 3.73 -10.42
N ALA C 230 -16.36 5.01 -10.13
CA ALA C 230 -16.63 5.57 -8.82
C ALA C 230 -17.56 6.77 -9.00
N VAL C 231 -18.73 6.72 -8.38
CA VAL C 231 -19.70 7.81 -8.53
C VAL C 231 -20.17 8.31 -7.17
N VAL C 232 -20.15 9.63 -6.98
CA VAL C 232 -20.78 10.25 -5.82
C VAL C 232 -21.70 11.40 -6.19
N ASP C 233 -22.62 11.71 -5.27
CA ASP C 233 -23.35 12.97 -5.31
C ASP C 233 -22.42 14.09 -4.85
N GLU C 234 -22.09 15.00 -5.76
CA GLU C 234 -21.12 16.03 -5.44
C GLU C 234 -21.60 17.04 -4.39
N SER C 235 -22.90 17.14 -4.19
CA SER C 235 -23.42 18.09 -3.21
C SER C 235 -23.27 17.53 -1.79
N ILE C 236 -23.50 16.23 -1.65
CA ILE C 236 -23.30 15.57 -0.38
C ILE C 236 -21.81 15.52 -0.04
N ALA C 237 -20.99 15.18 -1.03
CA ALA C 237 -19.56 15.11 -0.82
C ALA C 237 -19.01 16.49 -0.44
N PHE C 238 -19.55 17.54 -1.07
CA PHE C 238 -19.18 18.92 -0.74
C PHE C 238 -19.46 19.24 0.72
N ALA C 239 -20.64 18.85 1.19
CA ALA C 239 -21.05 19.13 2.55
C ALA C 239 -20.11 18.45 3.55
N MET C 240 -19.75 17.20 3.27
CA MET C 240 -18.86 16.47 4.18
C MET C 240 -17.47 17.06 4.28
N VAL C 241 -16.92 17.48 3.15
CA VAL C 241 -15.55 17.97 3.11
C VAL C 241 -15.50 19.38 3.66
N ASP C 242 -16.59 20.12 3.48
CA ASP C 242 -16.65 21.51 3.92
C ASP C 242 -16.85 21.66 5.42
N ASP C 243 -17.00 20.52 6.11
CA ASP C 243 -17.12 20.52 7.57
C ASP C 243 -15.92 19.83 8.24
N GLY D 4 15.61 8.61 23.25
CA GLY D 4 15.36 9.95 22.72
C GLY D 4 14.49 10.01 21.46
N SER D 5 14.18 11.23 21.02
CA SER D 5 13.25 11.43 19.92
C SER D 5 13.86 11.21 18.52
N VAL D 6 15.19 11.16 18.44
CA VAL D 6 15.85 10.79 17.20
C VAL D 6 16.00 9.26 17.11
N ARG D 7 16.35 8.65 18.24
CA ARG D 7 16.43 7.20 18.33
C ARG D 7 15.09 6.54 18.05
N GLU D 8 14.01 7.24 18.40
CA GLU D 8 12.68 6.70 18.19
C GLU D 8 12.35 6.76 16.71
N GLU D 9 12.72 7.86 16.05
CA GLU D 9 12.48 7.98 14.63
C GLU D 9 13.29 6.96 13.85
N ILE D 10 14.51 6.68 14.31
CA ILE D 10 15.36 5.63 13.73
C ILE D 10 14.61 4.31 13.75
N GLU D 11 14.18 3.92 14.95
CA GLU D 11 13.44 2.69 15.12
C GLU D 11 12.20 2.64 14.21
N SER D 12 11.49 3.75 14.06
CA SER D 12 10.28 3.75 13.24
C SER D 12 10.56 3.54 11.75
N LEU D 13 11.67 4.09 11.29
CA LEU D 13 12.07 3.94 9.90
C LEU D 13 12.56 2.51 9.60
N VAL D 14 13.30 1.92 10.54
CA VAL D 14 13.71 0.54 10.42
C VAL D 14 12.47 -0.36 10.38
N GLN D 15 11.50 -0.07 11.24
CA GLN D 15 10.25 -0.81 11.23
C GLN D 15 9.53 -0.76 9.86
N ASP D 16 9.46 0.44 9.27
CA ASP D 16 8.84 0.62 7.96
C ASP D 16 9.50 -0.23 6.87
N SER D 17 10.83 -0.19 6.79
CA SER D 17 11.55 -0.99 5.81
C SER D 17 11.38 -2.49 6.04
N LEU D 18 11.36 -2.89 7.30
CA LEU D 18 11.16 -4.29 7.64
C LEU D 18 9.76 -4.72 7.21
N MET D 19 8.74 -3.96 7.58
CA MET D 19 7.37 -4.31 7.18
C MET D 19 7.21 -4.35 5.66
N GLU D 20 7.84 -3.42 4.96
CA GLU D 20 7.79 -3.44 3.50
C GLU D 20 8.47 -4.68 2.93
N MET D 21 9.53 -5.13 3.60
CA MET D 21 10.24 -6.33 3.22
C MET D 21 9.43 -7.61 3.47
N VAL D 22 8.74 -7.70 4.60
CA VAL D 22 7.82 -8.81 4.83
C VAL D 22 6.82 -8.89 3.68
N LYS D 23 6.28 -7.72 3.32
CA LYS D 23 5.31 -7.61 2.24
C LYS D 23 5.87 -8.07 0.88
N GLY D 24 7.14 -7.77 0.61
CA GLY D 24 7.73 -8.17 -0.66
C GLY D 24 7.95 -9.67 -0.77
N VAL D 25 8.35 -10.31 0.32
CA VAL D 25 8.50 -11.76 0.33
C VAL D 25 7.14 -12.43 0.08
N LYS D 26 6.11 -11.94 0.76
CA LYS D 26 4.79 -12.54 0.62
C LYS D 26 4.21 -12.29 -0.77
N ASN D 27 4.62 -11.20 -1.41
CA ASN D 27 4.09 -10.82 -2.72
C ASN D 27 4.87 -11.39 -3.90
N THR D 28 6.06 -11.93 -3.64
CA THR D 28 6.83 -12.53 -4.72
C THR D 28 6.88 -14.04 -4.52
N ILE D 29 7.80 -14.49 -3.66
CA ILE D 29 7.96 -15.92 -3.31
C ILE D 29 6.67 -16.67 -2.91
N GLU D 30 5.88 -16.12 -2.00
CA GLU D 30 4.70 -16.84 -1.49
C GLU D 30 3.55 -16.99 -2.46
N SER D 31 3.15 -15.93 -3.15
CA SER D 31 2.07 -16.10 -4.10
C SER D 31 2.54 -17.00 -5.22
N ASP D 32 3.83 -16.90 -5.58
CA ASP D 32 4.40 -17.80 -6.58
C ASP D 32 4.40 -19.26 -6.09
N LEU D 33 4.77 -19.45 -4.84
CA LEU D 33 4.66 -20.74 -4.20
C LEU D 33 3.21 -21.19 -4.13
N ALA D 34 2.30 -20.24 -3.92
CA ALA D 34 0.89 -20.59 -3.79
C ALA D 34 0.39 -21.20 -5.08
N SER D 35 0.58 -20.45 -6.17
CA SER D 35 0.29 -20.92 -7.52
C SER D 35 0.94 -22.27 -7.85
N LYS D 36 2.24 -22.38 -7.61
CA LYS D 36 3.00 -23.59 -7.91
C LYS D 36 2.50 -24.83 -7.19
N LYS D 37 1.99 -24.65 -5.98
CA LYS D 37 1.51 -25.78 -5.19
C LYS D 37 0.27 -26.39 -5.83
N GLY D 38 -0.58 -25.57 -6.41
CA GLY D 38 -1.76 -26.08 -7.06
C GLY D 38 -1.39 -26.90 -8.27
N LEU D 39 -0.33 -26.48 -8.94
CA LEU D 39 0.09 -27.13 -10.17
C LEU D 39 0.80 -28.45 -9.87
N ALA D 40 1.56 -28.49 -8.77
CA ALA D 40 2.24 -29.71 -8.33
C ALA D 40 1.23 -30.73 -7.81
N GLN D 41 0.22 -30.25 -7.09
CA GLN D 41 -0.82 -31.12 -6.56
C GLN D 41 -1.59 -31.83 -7.68
N SER D 42 -2.02 -31.08 -8.70
CA SER D 42 -2.77 -31.68 -9.80
C SER D 42 -1.91 -32.65 -10.59
N THR D 43 -0.66 -32.24 -10.86
CA THR D 43 0.28 -33.06 -11.58
C THR D 43 0.42 -34.42 -10.88
N THR D 44 0.56 -34.39 -9.56
CA THR D 44 0.68 -35.63 -8.81
C THR D 44 -0.60 -36.48 -8.88
N GLU D 45 -1.77 -35.84 -8.73
CA GLU D 45 -3.03 -36.57 -8.77
C GLU D 45 -3.26 -37.19 -10.16
N ILE D 46 -2.76 -36.53 -11.20
CA ILE D 46 -2.89 -37.05 -12.55
C ILE D 46 -1.92 -38.21 -12.79
N LEU D 47 -0.69 -38.09 -12.29
CA LEU D 47 0.26 -39.21 -12.38
C LEU D 47 -0.25 -40.42 -11.59
N GLN D 48 -1.13 -40.14 -10.65
CA GLN D 48 -1.61 -41.16 -9.73
C GLN D 48 -2.64 -42.07 -10.43
N LEU D 49 -3.14 -41.63 -11.59
CA LEU D 49 -3.92 -42.49 -12.46
C LEU D 49 -3.11 -43.71 -12.93
N ASP D 50 -1.83 -43.50 -13.21
CA ASP D 50 -0.94 -44.58 -13.65
C ASP D 50 0.51 -44.41 -13.15
N PRO D 51 0.71 -44.48 -11.83
CA PRO D 51 1.96 -44.14 -11.11
C PRO D 51 3.23 -44.89 -11.53
N THR D 52 3.11 -46.18 -11.78
CA THR D 52 4.26 -47.03 -12.07
C THR D 52 4.68 -46.95 -13.55
N ASN D 53 3.81 -46.41 -14.38
CA ASN D 53 4.09 -46.20 -15.80
C ASN D 53 5.08 -45.04 -16.03
N LYS D 54 6.36 -45.35 -16.14
CA LYS D 54 7.44 -44.35 -16.25
C LYS D 54 7.39 -43.55 -17.57
N ALA D 55 6.94 -44.20 -18.63
CA ALA D 55 6.77 -43.50 -19.90
C ALA D 55 5.70 -42.42 -19.79
N PHE D 56 4.64 -42.71 -19.05
CA PHE D 56 3.58 -41.74 -18.84
C PHE D 56 4.09 -40.56 -18.00
N ALA D 57 4.81 -40.86 -16.93
CA ALA D 57 5.42 -39.84 -16.09
C ALA D 57 6.30 -38.88 -16.89
N LYS D 58 7.17 -39.44 -17.72
CA LYS D 58 8.12 -38.65 -18.51
C LYS D 58 7.37 -37.71 -19.47
N SER D 59 6.33 -38.21 -20.13
CA SER D 59 5.51 -37.38 -21.04
C SER D 59 4.88 -36.17 -20.36
N VAL D 60 4.39 -36.36 -19.14
CA VAL D 60 3.82 -35.29 -18.37
C VAL D 60 4.90 -34.28 -17.94
N LEU D 61 5.98 -34.75 -17.34
CA LEU D 61 6.98 -33.85 -16.79
C LEU D 61 7.71 -33.07 -17.89
N GLU D 62 7.64 -33.59 -19.11
CA GLU D 62 8.31 -32.95 -20.24
C GLU D 62 7.41 -32.01 -21.01
N SER D 63 6.14 -31.95 -20.64
CA SER D 63 5.22 -31.06 -21.33
C SER D 63 5.60 -29.62 -20.99
N PRO D 64 5.61 -28.75 -22.00
CA PRO D 64 6.25 -27.42 -22.00
C PRO D 64 5.80 -26.42 -20.93
N ASN D 65 4.51 -26.18 -20.75
CA ASN D 65 4.13 -25.15 -19.78
C ASN D 65 4.55 -25.56 -18.37
N LEU D 66 4.42 -26.85 -18.10
CA LEU D 66 4.76 -27.41 -16.80
C LEU D 66 6.28 -27.49 -16.63
N LYS D 67 6.98 -27.87 -17.70
CA LYS D 67 8.43 -27.95 -17.65
C LYS D 67 9.09 -26.59 -17.41
N GLY D 68 8.44 -25.53 -17.91
CA GLY D 68 8.95 -24.18 -17.73
C GLY D 68 8.40 -23.42 -16.52
N SER D 69 7.74 -24.10 -15.59
CA SER D 69 7.19 -23.46 -14.39
C SER D 69 8.02 -23.78 -13.18
N PHE D 70 9.01 -24.65 -13.37
CA PHE D 70 9.82 -25.10 -12.28
C PHE D 70 11.22 -25.20 -12.79
N LEU D 71 12.16 -25.17 -11.87
CA LEU D 71 13.57 -25.40 -12.15
C LEU D 71 13.79 -26.83 -12.67
N ALA D 72 13.05 -27.79 -12.11
CA ALA D 72 13.19 -29.21 -12.43
C ALA D 72 12.14 -30.01 -11.68
N ILE D 73 11.56 -30.99 -12.34
CA ILE D 73 10.60 -31.88 -11.72
C ILE D 73 11.03 -33.33 -11.93
N GLY D 74 10.81 -34.17 -10.91
CA GLY D 74 11.17 -35.57 -11.04
C GLY D 74 10.44 -36.48 -10.08
N LEU D 75 10.29 -37.73 -10.49
CA LEU D 75 9.65 -38.75 -9.67
C LEU D 75 10.69 -39.80 -9.27
N GLY D 76 10.91 -39.96 -7.96
CA GLY D 76 11.76 -41.02 -7.44
C GLY D 76 10.90 -42.18 -6.94
N TYR D 77 11.35 -43.43 -7.16
CA TYR D 77 10.53 -44.61 -6.80
C TYR D 77 11.03 -45.39 -5.58
N GLU D 78 10.08 -45.84 -4.76
CA GLU D 78 10.34 -46.66 -3.58
C GLU D 78 11.03 -47.99 -3.89
N SER D 79 10.45 -48.73 -4.84
CA SER D 79 10.95 -50.04 -5.27
C SER D 79 12.44 -50.10 -5.58
N ASP D 80 12.90 -49.28 -6.53
CA ASP D 80 14.26 -49.44 -7.04
C ASP D 80 15.16 -48.20 -6.98
N ALA D 81 14.67 -47.13 -6.33
CA ALA D 81 15.40 -45.86 -6.27
C ALA D 81 15.76 -45.29 -7.66
N THR D 82 14.90 -45.52 -8.64
CA THR D 82 15.12 -44.91 -9.95
C THR D 82 14.40 -43.57 -10.01
N VAL D 83 14.85 -42.69 -10.89
CA VAL D 83 14.28 -41.35 -11.01
C VAL D 83 13.85 -41.03 -12.43
N VAL D 84 12.61 -40.62 -12.60
CA VAL D 84 12.16 -40.03 -13.87
C VAL D 84 12.13 -38.52 -13.67
N GLU D 85 12.99 -37.78 -14.40
CA GLU D 85 13.02 -36.33 -14.20
C GLU D 85 13.23 -35.56 -15.51
N ASN D 86 12.95 -34.25 -15.49
CA ASN D 86 13.02 -33.46 -16.73
C ASN D 86 14.17 -32.44 -16.81
N ASP D 87 15.26 -32.69 -16.09
CA ASP D 87 16.42 -31.77 -16.07
C ASP D 87 17.34 -32.11 -17.20
N ASP D 88 17.43 -31.24 -18.19
CA ASP D 88 18.19 -31.54 -19.40
C ASP D 88 19.70 -31.52 -19.17
N GLY D 89 20.14 -30.94 -18.06
CA GLY D 89 21.56 -30.91 -17.78
C GLY D 89 22.02 -31.94 -16.76
N TRP D 90 21.09 -32.73 -16.23
CA TRP D 90 21.40 -33.62 -15.10
C TRP D 90 20.88 -35.05 -15.27
N GLU D 91 21.76 -36.01 -15.00
CA GLU D 91 21.39 -37.42 -14.84
C GLU D 91 21.94 -37.94 -13.51
N PRO D 92 21.11 -38.66 -12.75
CA PRO D 92 21.56 -39.21 -11.45
C PRO D 92 22.78 -40.13 -11.62
N ASN D 93 23.81 -39.97 -10.80
CA ASN D 93 25.03 -40.76 -10.99
C ASN D 93 25.01 -42.09 -10.24
N ALA D 94 26.22 -42.63 -9.99
CA ALA D 94 26.45 -43.98 -9.44
C ALA D 94 25.42 -44.41 -8.39
N ASP D 95 25.40 -43.76 -7.23
CA ASP D 95 24.22 -43.90 -6.39
C ASP D 95 23.81 -42.57 -5.74
N TYR D 96 23.02 -41.83 -6.52
CA TYR D 96 22.04 -40.90 -6.05
C TYR D 96 20.83 -41.76 -5.64
N ASP D 97 20.42 -41.65 -4.38
CA ASP D 97 19.26 -42.38 -3.87
C ASP D 97 18.15 -41.37 -3.57
N PRO D 98 17.11 -41.33 -4.41
CA PRO D 98 16.04 -40.34 -4.29
C PRO D 98 15.39 -40.33 -2.92
N ARG D 99 15.34 -41.49 -2.28
CA ARG D 99 14.60 -41.67 -1.03
C ARG D 99 15.33 -41.07 0.15
N LYS D 100 16.59 -40.70 -0.09
CA LYS D 100 17.42 -40.09 0.94
C LYS D 100 17.47 -38.57 0.79
N ARG D 101 16.63 -38.00 -0.06
CA ARG D 101 16.62 -36.55 -0.30
C ARG D 101 15.53 -35.85 0.53
N PRO D 102 15.78 -34.58 0.93
CA PRO D 102 14.84 -33.86 1.81
C PRO D 102 13.41 -33.82 1.27
N TRP D 103 13.24 -33.56 -0.02
CA TRP D 103 11.91 -33.55 -0.62
C TRP D 103 11.21 -34.90 -0.46
N TYR D 104 12.00 -35.97 -0.51
CA TYR D 104 11.44 -37.32 -0.47
C TYR D 104 11.00 -37.70 0.94
N VAL D 105 11.89 -37.46 1.90
CA VAL D 105 11.65 -37.83 3.29
C VAL D 105 10.47 -37.05 3.88
N ASP D 106 10.34 -35.78 3.52
CA ASP D 106 9.24 -34.93 4.01
C ASP D 106 7.85 -35.39 3.54
N ALA D 107 7.72 -35.62 2.23
CA ALA D 107 6.44 -36.07 1.69
C ALA D 107 6.07 -37.43 2.27
N LYS D 108 7.07 -38.30 2.43
CA LYS D 108 6.83 -39.64 2.93
C LYS D 108 6.41 -39.58 4.39
N ARG D 109 7.02 -38.67 5.15
CA ARG D 109 6.64 -38.47 6.54
C ARG D 109 5.26 -37.86 6.69
N GLU D 110 4.97 -36.85 5.89
CA GLU D 110 3.75 -36.08 6.08
C GLU D 110 2.56 -36.69 5.36
N ARG D 111 2.84 -37.42 4.29
CA ARG D 111 1.81 -38.15 3.53
C ARG D 111 0.81 -37.16 2.87
N LYS D 112 1.37 -36.06 2.37
CA LYS D 112 0.64 -34.91 1.88
C LYS D 112 1.68 -33.87 1.38
N LEU D 113 1.27 -32.95 0.51
CA LEU D 113 2.20 -32.00 -0.11
C LEU D 113 2.98 -31.22 0.95
N VAL D 114 4.27 -31.01 0.69
CA VAL D 114 5.15 -30.29 1.59
C VAL D 114 6.07 -29.33 0.84
N VAL D 115 6.59 -28.35 1.57
CA VAL D 115 7.60 -27.46 1.07
C VAL D 115 8.82 -27.62 1.96
N THR D 116 9.96 -27.98 1.37
CA THR D 116 11.16 -28.26 2.14
C THR D 116 11.79 -27.00 2.74
N GLU D 117 12.61 -27.23 3.77
CA GLU D 117 13.62 -26.27 4.19
C GLU D 117 14.53 -25.99 3.01
N PRO D 118 15.12 -24.78 2.98
CA PRO D 118 16.17 -24.51 1.99
C PRO D 118 17.31 -25.53 2.10
N TYR D 119 17.76 -26.05 0.95
CA TYR D 119 18.84 -27.02 0.91
C TYR D 119 19.62 -26.82 -0.37
N VAL D 120 20.77 -27.47 -0.48
CA VAL D 120 21.63 -27.32 -1.66
C VAL D 120 21.24 -28.31 -2.74
N ASP D 121 20.92 -27.80 -3.93
CA ASP D 121 20.59 -28.62 -5.09
C ASP D 121 21.78 -29.49 -5.50
N ILE D 122 21.56 -30.76 -5.78
CA ILE D 122 22.68 -31.58 -6.22
C ILE D 122 22.95 -31.27 -7.72
N SER D 123 21.94 -30.79 -8.44
CA SER D 123 22.12 -30.38 -9.84
C SER D 123 22.83 -29.04 -9.93
N THR D 124 22.12 -27.96 -9.63
CA THR D 124 22.68 -26.61 -9.80
C THR D 124 23.71 -26.24 -8.73
N LYS D 125 23.72 -26.97 -7.61
CA LYS D 125 24.59 -26.68 -6.46
C LYS D 125 24.23 -25.37 -5.77
N LYS D 126 23.04 -24.84 -6.04
CA LYS D 126 22.59 -23.63 -5.37
C LYS D 126 21.66 -23.97 -4.23
N ILE D 127 21.35 -22.97 -3.41
CA ILE D 127 20.34 -23.13 -2.37
C ILE D 127 18.93 -22.93 -2.97
N ILE D 128 18.05 -23.90 -2.77
CA ILE D 128 16.67 -23.84 -3.30
C ILE D 128 15.66 -24.33 -2.28
N ILE D 129 14.38 -24.33 -2.64
CA ILE D 129 13.40 -25.12 -1.91
C ILE D 129 12.71 -25.99 -2.95
N SER D 130 12.08 -27.06 -2.50
CA SER D 130 11.30 -27.91 -3.40
C SER D 130 9.92 -28.10 -2.85
N ILE D 131 8.94 -28.25 -3.73
CA ILE D 131 7.67 -28.84 -3.34
C ILE D 131 7.82 -30.35 -3.43
N GLY D 132 7.47 -31.05 -2.35
CA GLY D 132 7.47 -32.51 -2.34
C GLY D 132 6.05 -33.05 -2.36
N THR D 133 5.83 -34.14 -3.10
CA THR D 133 4.54 -34.79 -3.10
C THR D 133 4.69 -36.30 -3.05
N PRO D 134 3.97 -36.95 -2.11
CA PRO D 134 3.97 -38.41 -2.04
C PRO D 134 3.17 -38.99 -3.21
N VAL D 135 3.53 -40.18 -3.66
CA VAL D 135 2.78 -40.82 -4.73
C VAL D 135 2.27 -42.17 -4.25
N TYR D 136 0.95 -42.36 -4.33
CA TYR D 136 0.34 -43.61 -3.90
C TYR D 136 -0.33 -44.38 -5.02
N GLN D 137 -0.57 -45.64 -4.76
CA GLN D 137 -1.39 -46.48 -5.62
C GLN D 137 -2.09 -47.47 -4.73
N GLN D 138 -3.41 -47.58 -4.86
CA GLN D 138 -4.17 -48.55 -4.07
C GLN D 138 -4.06 -48.22 -2.58
N SER D 139 -3.68 -46.98 -2.28
CA SER D 139 -3.26 -46.56 -0.94
C SER D 139 -1.99 -47.31 -0.51
N ASN D 140 -1.01 -47.38 -1.41
CA ASN D 140 0.33 -47.86 -1.09
C ASN D 140 1.36 -46.85 -1.57
N PHE D 141 2.27 -46.44 -0.69
CA PHE D 141 3.27 -45.43 -1.03
C PHE D 141 4.22 -46.01 -2.07
N VAL D 142 4.30 -45.40 -3.26
CA VAL D 142 5.13 -45.94 -4.34
C VAL D 142 6.34 -45.05 -4.59
N GLY D 143 6.22 -43.79 -4.17
CA GLY D 143 7.32 -42.86 -4.24
C GLY D 143 6.91 -41.41 -4.03
N ALA D 144 7.79 -40.49 -4.41
CA ALA D 144 7.56 -39.08 -4.20
C ALA D 144 8.11 -38.20 -5.33
N MET D 145 7.64 -36.95 -5.36
CA MET D 145 8.10 -36.00 -6.37
C MET D 145 8.77 -34.79 -5.78
N PHE D 146 9.64 -34.17 -6.58
CA PHE D 146 10.17 -32.85 -6.28
C PHE D 146 9.80 -31.87 -7.39
N TYR D 147 9.48 -30.66 -6.98
CA TYR D 147 9.29 -29.55 -7.90
C TYR D 147 10.20 -28.46 -7.38
N ASP D 148 11.33 -28.26 -8.03
CA ASP D 148 12.37 -27.37 -7.50
C ASP D 148 11.93 -25.92 -7.72
N VAL D 149 12.27 -25.05 -6.77
CA VAL D 149 11.96 -23.63 -6.86
C VAL D 149 13.20 -22.79 -6.54
N GLU D 150 13.61 -21.90 -7.46
CA GLU D 150 14.79 -21.08 -7.17
C GLU D 150 14.46 -19.90 -6.24
N LEU D 151 15.45 -19.43 -5.50
CA LEU D 151 15.22 -18.36 -4.55
C LEU D 151 15.86 -17.05 -4.98
N THR D 152 16.06 -16.85 -6.29
CA THR D 152 16.80 -15.67 -6.73
C THR D 152 16.09 -14.36 -6.41
N GLN D 153 14.80 -14.41 -6.10
CA GLN D 153 14.09 -13.17 -5.81
C GLN D 153 14.37 -12.65 -4.39
N LEU D 154 14.65 -13.54 -3.45
CA LEU D 154 15.06 -13.12 -2.12
C LEU D 154 16.34 -12.28 -2.22
N ALA D 155 17.20 -12.64 -3.18
CA ALA D 155 18.45 -11.94 -3.41
C ALA D 155 18.18 -10.58 -4.03
N GLN D 156 17.18 -10.53 -4.91
CA GLN D 156 16.76 -9.28 -5.53
C GLN D 156 16.24 -8.30 -4.49
N LEU D 157 15.37 -8.77 -3.59
CA LEU D 157 14.84 -7.94 -2.49
C LEU D 157 15.93 -7.37 -1.59
N VAL D 158 16.73 -8.27 -1.03
CA VAL D 158 17.78 -7.93 -0.08
C VAL D 158 18.95 -7.07 -0.64
N ASN D 159 19.20 -7.06 -1.95
CA ASN D 159 20.25 -6.20 -2.51
C ASN D 159 19.69 -4.88 -3.03
N SER D 160 18.39 -4.70 -2.87
CA SER D 160 17.82 -3.47 -3.36
C SER D 160 17.53 -2.45 -2.24
N VAL D 161 17.75 -2.80 -0.97
CA VAL D 161 17.48 -1.85 0.13
C VAL D 161 18.71 -1.54 0.95
N ASN D 162 18.98 -0.25 1.15
CA ASN D 162 20.09 0.21 1.95
C ASN D 162 19.62 1.23 2.98
N LEU D 163 19.61 0.83 4.26
CA LEU D 163 19.09 1.65 5.35
C LEU D 163 20.04 2.80 5.71
N PHE D 164 19.88 3.93 5.03
CA PHE D 164 20.58 5.17 5.37
C PHE D 164 22.09 5.02 5.30
N ASP D 165 22.58 4.13 4.45
CA ASP D 165 23.99 3.78 4.44
C ASP D 165 24.45 3.37 5.85
N ALA D 166 23.50 3.03 6.70
CA ALA D 166 23.77 2.63 8.08
C ALA D 166 23.67 1.11 8.27
N GLY D 167 23.02 0.42 7.32
CA GLY D 167 22.86 -1.00 7.44
C GLY D 167 22.02 -1.59 6.32
N TYR D 168 21.39 -2.72 6.60
CA TYR D 168 20.74 -3.49 5.55
C TYR D 168 19.73 -4.52 6.07
N LEU D 169 19.23 -5.38 5.19
CA LEU D 169 18.30 -6.42 5.58
C LEU D 169 18.77 -7.78 5.12
N PHE D 170 18.37 -8.83 5.83
CA PHE D 170 18.81 -10.18 5.50
C PHE D 170 17.73 -11.17 5.88
N ILE D 171 17.87 -12.41 5.41
CA ILE D 171 16.83 -13.41 5.62
C ILE D 171 17.43 -14.74 6.08
N THR D 172 16.85 -15.33 7.12
CA THR D 172 17.28 -16.65 7.58
C THR D 172 16.14 -17.66 7.64
N THR D 173 16.52 -18.95 7.68
CA THR D 173 15.63 -20.02 8.07
C THR D 173 15.22 -19.90 9.55
N LYS D 174 14.24 -20.70 9.97
CA LYS D 174 13.81 -20.73 11.36
C LYS D 174 14.95 -21.16 12.32
N ASP D 175 15.97 -21.82 11.79
CA ASP D 175 17.06 -22.32 12.62
C ASP D 175 18.27 -21.40 12.49
N GLY D 176 18.07 -20.25 11.85
CA GLY D 176 19.05 -19.18 11.82
C GLY D 176 20.07 -19.25 10.69
N VAL D 177 19.80 -20.11 9.70
CA VAL D 177 20.74 -20.23 8.59
C VAL D 177 20.43 -19.14 7.54
N THR D 178 21.44 -18.31 7.28
CA THR D 178 21.31 -17.21 6.35
C THR D 178 21.03 -17.70 4.93
N ILE D 179 19.99 -17.19 4.30
CA ILE D 179 19.69 -17.62 2.94
C ILE D 179 19.56 -16.43 1.96
N ALA D 180 19.56 -15.22 2.46
CA ALA D 180 19.75 -14.04 1.61
C ALA D 180 20.44 -12.93 2.40
N HIS D 181 21.47 -12.37 1.79
CA HIS D 181 22.30 -11.37 2.43
C HIS D 181 23.01 -10.56 1.34
N PRO D 182 23.09 -9.23 1.51
CA PRO D 182 23.76 -8.38 0.51
C PRO D 182 25.14 -8.92 0.09
N ASN D 183 25.91 -9.38 1.07
CA ASN D 183 27.16 -10.10 0.83
C ASN D 183 26.88 -11.60 0.78
N ALA D 184 26.83 -12.16 -0.43
CA ALA D 184 26.33 -13.52 -0.63
C ALA D 184 27.20 -14.61 0.03
N GLU D 185 28.40 -14.25 0.46
CA GLU D 185 29.30 -15.22 1.09
C GLU D 185 28.81 -15.64 2.48
N ASN D 186 27.90 -14.87 3.08
CA ASN D 186 27.26 -15.26 4.34
C ASN D 186 26.21 -16.35 4.17
N ASN D 187 25.69 -16.49 2.95
CA ASN D 187 24.64 -17.47 2.70
C ASN D 187 25.12 -18.89 2.97
N GLY D 188 24.28 -19.68 3.62
CA GLY D 188 24.64 -21.03 3.98
C GLY D 188 25.10 -21.14 5.43
N GLU D 189 25.66 -20.05 5.96
CA GLU D 189 26.10 -20.02 7.36
C GLU D 189 25.03 -19.43 8.27
N LYS D 190 25.16 -19.67 9.58
CA LYS D 190 24.26 -19.07 10.55
C LYS D 190 24.58 -17.59 10.65
N PHE D 191 23.56 -16.78 10.88
CA PHE D 191 23.73 -15.34 10.83
C PHE D 191 24.66 -14.82 11.90
N SER D 192 24.83 -15.60 12.96
CA SER D 192 25.65 -15.21 14.10
C SER D 192 27.10 -14.99 13.71
N GLN D 193 27.52 -15.55 12.58
CA GLN D 193 28.88 -15.31 12.14
C GLN D 193 29.11 -13.88 11.65
N PHE D 194 28.07 -13.21 11.15
CA PHE D 194 28.25 -11.79 10.86
C PHE D 194 27.56 -10.90 11.89
N LEU D 195 26.68 -11.48 12.70
CA LEU D 195 25.98 -10.67 13.72
C LEU D 195 25.81 -11.49 15.00
N PRO D 196 26.91 -11.72 15.73
CA PRO D 196 26.88 -12.61 16.90
C PRO D 196 26.15 -12.00 18.07
N ASN D 197 25.73 -12.83 19.03
CA ASN D 197 25.14 -12.37 20.29
C ASN D 197 23.80 -11.70 20.10
N VAL D 198 23.11 -12.10 19.05
CA VAL D 198 21.78 -11.60 18.79
C VAL D 198 20.82 -12.77 18.83
N ASP D 199 19.76 -12.68 19.63
CA ASP D 199 18.77 -13.74 19.64
C ASP D 199 17.95 -13.71 18.37
N LEU D 200 17.60 -14.89 17.87
CA LEU D 200 16.69 -15.01 16.75
C LEU D 200 15.25 -14.92 17.28
N LYS D 201 14.72 -13.70 17.41
CA LYS D 201 13.38 -13.52 17.95
C LYS D 201 12.76 -12.19 17.50
N GLU D 202 11.44 -12.17 17.35
CA GLU D 202 10.71 -10.97 16.92
C GLU D 202 10.93 -9.82 17.88
N GLY D 203 10.90 -8.59 17.38
CA GLY D 203 11.06 -7.44 18.22
C GLY D 203 12.32 -6.67 17.90
N THR D 204 12.76 -5.83 18.83
CA THR D 204 13.90 -4.94 18.63
C THR D 204 15.05 -5.33 19.56
N GLN D 205 16.27 -5.25 19.07
CA GLN D 205 17.43 -5.49 19.92
C GLN D 205 18.48 -4.40 19.71
N ARG D 206 19.04 -3.92 20.81
CA ARG D 206 20.19 -3.04 20.75
C ARG D 206 21.32 -3.81 21.37
N ILE D 207 22.48 -3.82 20.71
CA ILE D 207 23.64 -4.54 21.21
C ILE D 207 24.94 -3.83 20.85
N GLU D 208 25.92 -3.89 21.74
CA GLU D 208 27.25 -3.35 21.47
C GLU D 208 28.14 -4.47 20.97
N LEU D 209 28.81 -4.24 19.84
CA LEU D 209 29.71 -5.23 19.24
C LEU D 209 31.01 -4.59 18.78
N ASP D 210 32.11 -5.05 19.38
CA ASP D 210 33.48 -4.59 19.11
C ASP D 210 33.55 -3.06 19.01
N GLY D 211 32.98 -2.40 20.02
CA GLY D 211 33.07 -0.96 20.12
C GLY D 211 32.09 -0.17 19.26
N LYS D 212 31.05 -0.83 18.77
CA LYS D 212 30.04 -0.12 17.98
C LYS D 212 28.63 -0.48 18.44
N TYR D 213 27.66 0.36 18.10
CA TYR D 213 26.29 0.21 18.59
C TYR D 213 25.30 -0.14 17.47
N TYR D 214 24.74 -1.34 17.53
CA TYR D 214 23.79 -1.81 16.52
C TYR D 214 22.35 -1.90 17.01
N LEU D 215 21.44 -1.50 16.12
CA LEU D 215 20.01 -1.75 16.31
C LEU D 215 19.54 -2.86 15.36
N VAL D 216 18.92 -3.89 15.93
CA VAL D 216 18.44 -5.02 15.14
C VAL D 216 16.95 -5.29 15.35
N LYS D 217 16.25 -5.65 14.29
CA LYS D 217 14.83 -5.90 14.39
C LYS D 217 14.45 -7.08 13.49
N PHE D 218 13.71 -8.03 14.05
CA PHE D 218 13.30 -9.22 13.31
C PHE D 218 11.78 -9.33 13.17
N ALA D 219 11.34 -9.80 12.00
CA ALA D 219 9.96 -10.24 11.84
C ALA D 219 9.93 -11.62 11.22
N GLN D 220 8.96 -12.44 11.62
CA GLN D 220 8.81 -13.77 11.03
C GLN D 220 7.86 -13.76 9.81
N VAL D 221 8.22 -14.50 8.77
CA VAL D 221 7.34 -14.77 7.62
C VAL D 221 6.68 -16.12 7.84
N PRO D 222 5.50 -16.13 8.50
CA PRO D 222 4.89 -17.31 9.13
C PRO D 222 4.75 -18.61 8.30
N SER D 223 4.46 -18.50 7.01
CA SER D 223 4.19 -19.69 6.20
C SER D 223 5.46 -20.49 5.84
N GLU D 224 6.60 -19.82 5.88
CA GLU D 224 7.89 -20.45 5.61
C GLU D 224 8.71 -20.58 6.90
N SER D 225 8.26 -19.91 7.95
CA SER D 225 9.00 -19.79 9.20
C SER D 225 10.37 -19.15 9.01
N TRP D 226 10.53 -18.37 7.94
CA TRP D 226 11.73 -17.59 7.73
C TRP D 226 11.74 -16.38 8.65
N TYR D 227 12.91 -15.78 8.82
CA TYR D 227 13.06 -14.56 9.60
C TYR D 227 13.63 -13.49 8.73
N ILE D 228 13.15 -12.27 8.90
CA ILE D 228 13.77 -11.13 8.23
C ILE D 228 14.38 -10.23 9.28
N GLY D 229 15.67 -9.95 9.14
CA GLY D 229 16.34 -9.04 10.03
C GLY D 229 16.66 -7.75 9.32
N ALA D 230 16.57 -6.66 10.06
CA ALA D 230 17.08 -5.36 9.65
C ALA D 230 18.11 -4.94 10.68
N VAL D 231 19.30 -4.58 10.23
CA VAL D 231 20.38 -4.15 11.13
C VAL D 231 21.00 -2.84 10.68
N VAL D 232 21.11 -1.88 11.60
CA VAL D 232 21.85 -0.65 11.34
C VAL D 232 22.81 -0.32 12.47
N ASP D 233 23.99 0.15 12.09
CA ASP D 233 24.83 0.93 12.95
C ASP D 233 24.00 2.13 13.44
N GLU D 234 23.65 2.13 14.72
CA GLU D 234 22.76 3.16 15.24
C GLU D 234 23.45 4.53 15.32
N SER D 235 24.77 4.53 15.51
CA SER D 235 25.55 5.77 15.50
C SER D 235 25.47 6.49 14.16
N ILE D 236 25.78 5.77 13.08
CA ILE D 236 25.65 6.35 11.74
C ILE D 236 24.21 6.77 11.47
N ALA D 237 23.26 5.91 11.85
CA ALA D 237 21.85 6.20 11.62
C ALA D 237 21.45 7.52 12.28
N PHE D 238 21.84 7.67 13.55
CA PHE D 238 21.59 8.90 14.30
C PHE D 238 22.08 10.16 13.56
N ALA D 239 23.27 10.07 12.97
CA ALA D 239 23.81 11.18 12.21
C ALA D 239 23.05 11.42 10.89
N MET D 240 22.28 10.44 10.43
CA MET D 240 21.55 10.58 9.18
C MET D 240 20.25 11.35 9.39
N VAL D 241 19.66 11.22 10.58
CA VAL D 241 18.48 12.02 10.93
C VAL D 241 18.92 13.31 11.65
N ASP D 242 20.09 13.81 11.28
CA ASP D 242 20.69 14.97 11.93
C ASP D 242 20.31 16.26 11.18
N ASP D 243 19.61 16.10 10.04
CA ASP D 243 19.10 17.21 9.16
C ASP D 243 19.96 18.49 9.25
N ASN E . 8.82 34.33 -4.11
CA ASN E . 8.29 35.70 -4.14
C ASN E . 8.42 36.33 -5.53
O ASN E . 9.17 35.80 -6.37
CB ASN E . 8.99 36.55 -3.07
CG ASN E . 10.51 36.57 -3.25
OD1 ASN E . 11.00 36.59 -4.38
ND2 ASN E . 11.26 36.53 -2.15
OXT ASN E . 7.79 37.34 -5.85
CA CA F . 15.92 40.43 3.45
N ASN G . -7.05 18.83 29.37
CA ASN G . -5.93 19.57 29.93
C ASN G . -5.84 19.36 31.44
O ASN G . -5.03 19.98 32.13
CB ASN G . -6.06 21.05 29.60
CG ASN G . -7.27 21.70 30.27
OD1 ASN G . -8.41 21.27 30.07
ND2 ASN G . -7.01 22.71 31.08
OXT ASN G . -6.58 18.52 31.96
CA CA H . -13.02 29.21 29.17
N ASN I . -19.95 -22.48 -18.79
CA ASN I . -19.83 -23.22 -20.04
C ASN I . -20.82 -22.75 -21.11
O ASN I . -21.71 -21.95 -20.85
CB ASN I . -20.00 -24.73 -19.81
CG ASN I . -21.33 -25.09 -19.15
OD1 ASN I . -21.56 -24.81 -17.98
ND2 ASN I . -22.20 -25.71 -19.92
OXT ASN I . -20.71 -23.19 -22.27
CA CA J . -22.33 -33.82 -15.56
N ASN K . 17.10 -30.72 -6.48
CA ASN K . 16.61 -32.03 -6.08
C ASN K . 17.62 -32.85 -5.26
O ASN K . 18.78 -32.47 -5.09
CB ASN K . 16.16 -32.81 -7.32
CG ASN K . 17.25 -32.94 -8.38
OD1 ASN K . 18.36 -33.36 -8.10
ND2 ASN K . 16.93 -32.52 -9.62
OXT ASN K . 17.30 -33.92 -4.76
CA CA L . 17.99 -35.50 -17.27
#